data_8DWC
#
_entry.id   8DWC
#
_cell.length_a   1.00
_cell.length_b   1.00
_cell.length_c   1.00
_cell.angle_alpha   90.00
_cell.angle_beta   90.00
_cell.angle_gamma   90.00
#
_symmetry.space_group_name_H-M   'P 1'
#
loop_
_entity.id
_entity.type
_entity.pdbx_description
1 polymer Proenkephalin-A
2 polymer 'Guanine nucleotide-binding protein G(I)/G(S)/G(T) subunit beta-1'
3 polymer 'Guanine nucleotide-binding protein G(I)/G(S)/G(O) subunit gamma-2'
4 polymer 'Mas-related G-protein coupled receptor member X1'
5 polymer scFv16
6 polymer 'Gs-mini-Gq chimera'
#
loop_
_entity_poly.entity_id
_entity_poly.type
_entity_poly.pdbx_seq_one_letter_code
_entity_poly.pdbx_strand_id
1 'polypeptide(L)' VGRPEWWMDYQKRYG A
2 'polypeptide(L)'
;GPGSSGSELDQLRQEAEQLKNQIRDARKACADATLSQITNNIDPVGRIQMRTRRTLRGHLAKIYAMHWGTDSRLLVSASQ
DGKLIIWDSYTTNKVHAIPLRSSWVMTCAYAPSGNYVACGGLDNICSIYNLKTREGNVRVSRELAGHTGYLSCCRFLDDN
QIVTSSGDTTCALWDIETGQQTTTFTGHTGDVMSLSLAPDTRLFVSGACDASAKLWDVREGMCRQTFTGHESDINAICFF
PNGNAFATGSDDATCRLFDLRADQELMTYSHDNIICGITSVSFSKSGRLLLAGYDDFNCNVWDALKADRAGVLAGHDNRV
SCLGVTDDGMAVATGSWDSFLKIWN
;
C
3 'polypeptide(L)' MASNNTASIAQARKLVEQLKMEANIDRIKVSKAAADLMAYCEAHAKEDPLLTPVPASENPFREKKFFCAIL D
4 'polypeptide(L)'
;GPDPTISTLDTELTPINGTEETLCYKQTLSLTVLTCIVSLVGLTGNAVVLWLLGCRMRRNAFSIYILNLAAADFLFLSGR
LIYSLLSFISIPHTISKILYPVMMFSYFAGLSFLSAVSTERCLSVLWPIWYRCHRPTHLSAVVCVLLWALSLLRSILEWM
LCGFLFSGADSAWCQTSDFITVAWLIFLCVVLCGSSLVLLIRILCGSRKIPLTRLYVTILLTVLVFLLCGLPFGIQFFLF
LWIHVDREVLFCHVHLVSIFLSALNSSANPIIYFFVGSFRQRQNRQNLKLVLQRALQDASEVDEGGGQLPEEILELSGSR
LEQ
;
R
5 'polypeptide(L)'
;DVQLVESGGGLVQPGGSRKLSCSASGFAFSSFGMHWVRQAPEKGLEWVAYISSGSGTIYYADTVKGRFTISRDDPKNTLF
LQMTSLRSEDTAMYYCVRSIYYYGSSPFDFWGQGTTLTVSSGGGGSGGGGSGGGGSDIVMTQATSSVPVTPGESVSISCR
SSKSLLHSNGNTYLYWFLQRPGQSPQLLIYRMSNLASGVPDRFSGSGSGTAFTLTISRLEAEDVGVYYCMQHLEYPLTFG
AGTKLELKAAALEVLFQ
;
E
6 'polypeptide(L)'
;MGSTVSAEDKAAAERSKMIDKNLREDGEKARRTLRLLLLGADNSGKSTIVKQMRILHGGSGGSGGTSGIFETKFQVDKVN
FHMFDVGGQRDERRKWIQCFNDVTAIIFVVDSSDYNRLQEALNDFKSIWNNRWLRTISVILFLNKQDLLAEKVLAGKSKI
EDYFPEFARYTTPEDATPEPGEDPRVTRAKYFIRKEFVDISTASGDGRHICYPHFTCAVDTENARRIFNDCKDIILQMNL
REYNLV
;
B
#
# COMPACT_ATOMS: atom_id res chain seq x y z
N PRO A 4 56.23 20.57 13.33
CA PRO A 4 55.81 21.97 13.25
C PRO A 4 56.69 22.79 12.29
N GLU A 5 58.01 22.65 12.44
CA GLU A 5 58.93 23.41 11.61
C GLU A 5 58.87 22.98 10.15
N TRP A 6 58.76 21.67 9.89
CA TRP A 6 58.77 21.18 8.52
C TRP A 6 57.41 21.35 7.84
N TRP A 7 56.37 21.72 8.57
CA TRP A 7 55.03 21.78 7.98
C TRP A 7 54.97 22.83 6.88
N MET A 8 54.43 22.42 5.74
CA MET A 8 54.24 23.32 4.61
C MET A 8 52.96 24.13 4.81
N ASP A 9 52.51 24.80 3.75
CA ASP A 9 51.37 25.71 3.87
C ASP A 9 50.08 24.97 4.20
N TYR A 10 49.77 23.91 3.45
CA TYR A 10 48.50 23.22 3.64
C TYR A 10 48.43 22.47 4.97
N GLN A 11 49.56 22.11 5.54
CA GLN A 11 49.57 21.50 6.86
C GLN A 11 49.22 22.48 7.97
N LYS A 12 49.01 23.76 7.63
CA LYS A 12 48.57 24.79 8.56
C LYS A 12 47.07 25.05 8.42
N ARG A 13 46.30 23.97 8.26
CA ARG A 13 44.88 24.07 7.89
C ARG A 13 44.11 25.04 8.79
N TYR A 14 44.33 24.97 10.10
CA TYR A 14 43.66 25.87 11.02
C TYR A 14 44.51 27.11 11.28
N GLU B 8 -30.55 -33.74 -35.63
CA GLU B 8 -29.36 -33.95 -34.81
C GLU B 8 -28.83 -32.63 -34.26
N LEU B 9 -27.68 -32.68 -33.58
CA LEU B 9 -27.09 -31.47 -33.04
C LEU B 9 -26.57 -30.54 -34.12
N ASP B 10 -26.27 -31.07 -35.31
CA ASP B 10 -25.79 -30.21 -36.39
C ASP B 10 -26.88 -29.25 -36.86
N GLN B 11 -28.13 -29.72 -36.89
CA GLN B 11 -29.23 -28.85 -37.30
C GLN B 11 -29.39 -27.67 -36.36
N LEU B 12 -29.34 -27.91 -35.06
CA LEU B 12 -29.42 -26.82 -34.09
C LEU B 12 -28.21 -25.91 -34.20
N ARG B 13 -27.02 -26.49 -34.34
CA ARG B 13 -25.80 -25.69 -34.50
C ARG B 13 -25.78 -24.92 -35.81
N GLN B 14 -26.52 -25.38 -36.82
CA GLN B 14 -26.60 -24.64 -38.07
C GLN B 14 -27.52 -23.43 -37.95
N GLU B 15 -28.52 -23.49 -37.08
CA GLU B 15 -29.40 -22.34 -36.88
C GLU B 15 -28.67 -21.19 -36.20
N ALA B 16 -27.69 -21.51 -35.34
CA ALA B 16 -26.90 -20.46 -34.70
C ALA B 16 -26.10 -19.67 -35.72
N GLU B 17 -25.51 -20.35 -36.70
CA GLU B 17 -24.77 -19.66 -37.74
C GLU B 17 -25.67 -18.80 -38.60
N GLN B 18 -26.93 -19.20 -38.76
CA GLN B 18 -27.87 -18.36 -39.50
C GLN B 18 -28.16 -17.06 -38.76
N LEU B 19 -28.36 -17.13 -37.44
CA LEU B 19 -28.67 -15.94 -36.66
C LEU B 19 -27.43 -15.08 -36.45
N LYS B 20 -26.28 -15.70 -36.22
CA LYS B 20 -25.05 -14.93 -36.00
C LYS B 20 -24.70 -14.08 -37.21
N ASN B 21 -25.15 -14.48 -38.40
CA ASN B 21 -25.02 -13.65 -39.59
C ASN B 21 -26.23 -12.75 -39.80
N GLN B 22 -27.38 -13.09 -39.22
CA GLN B 22 -28.53 -12.22 -39.31
C GLN B 22 -28.38 -11.01 -38.38
N ILE B 23 -27.85 -11.24 -37.17
CA ILE B 23 -27.54 -10.14 -36.28
C ILE B 23 -26.44 -9.28 -36.87
N ARG B 24 -25.41 -9.91 -37.45
CA ARG B 24 -24.33 -9.16 -38.07
C ARG B 24 -24.83 -8.33 -39.24
N ASP B 25 -25.76 -8.88 -40.03
CA ASP B 25 -26.30 -8.13 -41.16
C ASP B 25 -27.19 -6.98 -40.69
N ALA B 26 -28.10 -7.25 -39.76
CA ALA B 26 -29.00 -6.22 -39.26
C ALA B 26 -28.27 -5.17 -38.44
N ARG B 27 -27.02 -5.42 -38.06
CA ARG B 27 -26.19 -4.45 -37.35
C ARG B 27 -25.42 -3.54 -38.30
N LYS B 28 -25.19 -3.98 -39.53
CA LYS B 28 -24.52 -3.14 -40.51
C LYS B 28 -25.49 -2.18 -41.19
N ALA B 29 -26.80 -2.41 -41.06
CA ALA B 29 -27.79 -1.48 -41.59
C ALA B 29 -27.89 -0.21 -40.77
N CYS B 30 -27.23 -0.15 -39.62
CA CYS B 30 -27.30 0.99 -38.72
C CYS B 30 -26.05 1.86 -38.77
N ALA B 31 -24.96 1.37 -39.34
CA ALA B 31 -23.69 2.10 -39.35
C ALA B 31 -23.63 3.04 -40.56
N ASP B 32 -24.48 4.07 -40.51
CA ASP B 32 -24.48 5.05 -41.60
C ASP B 32 -23.28 5.99 -41.50
N ALA B 33 -22.83 6.29 -40.28
CA ALA B 33 -21.63 7.08 -40.07
C ALA B 33 -20.98 6.61 -38.78
N THR B 34 -19.70 6.90 -38.65
CA THR B 34 -18.93 6.52 -37.48
C THR B 34 -18.86 7.68 -36.49
N LEU B 35 -18.58 7.34 -35.23
CA LEU B 35 -18.46 8.35 -34.18
C LEU B 35 -17.31 9.31 -34.47
N SER B 36 -16.31 8.87 -35.22
CA SER B 36 -15.17 9.75 -35.52
C SER B 36 -15.56 10.84 -36.51
N GLN B 37 -16.33 10.48 -37.55
CA GLN B 37 -16.75 11.48 -38.53
C GLN B 37 -17.63 12.54 -37.89
N ILE B 38 -18.57 12.13 -37.03
CA ILE B 38 -19.54 13.06 -36.49
C ILE B 38 -18.87 14.04 -35.52
N THR B 39 -18.05 13.53 -34.62
CA THR B 39 -17.35 14.35 -33.64
C THR B 39 -16.03 14.90 -34.16
N ASN B 40 -15.86 14.99 -35.48
CA ASN B 40 -14.61 15.52 -36.00
C ASN B 40 -14.52 17.02 -35.81
N ASN B 41 -15.64 17.73 -35.98
CA ASN B 41 -15.66 19.18 -35.85
C ASN B 41 -16.06 19.64 -34.45
N ILE B 42 -15.40 19.10 -33.44
CA ILE B 42 -15.53 19.60 -32.07
C ILE B 42 -14.12 19.81 -31.52
N ASP B 43 -13.96 20.85 -30.73
CA ASP B 43 -12.63 21.26 -30.30
C ASP B 43 -12.00 20.20 -29.41
N PRO B 44 -10.72 19.91 -29.59
CA PRO B 44 -10.05 18.96 -28.71
C PRO B 44 -9.96 19.49 -27.29
N VAL B 45 -9.90 18.55 -26.34
CA VAL B 45 -9.88 18.91 -24.93
C VAL B 45 -8.65 19.74 -24.61
N GLY B 46 -7.49 19.30 -25.12
CA GLY B 46 -6.23 19.98 -24.88
C GLY B 46 -5.22 19.03 -24.26
N ARG B 47 -4.40 19.58 -23.37
CA ARG B 47 -3.47 18.78 -22.58
C ARG B 47 -3.96 18.82 -21.13
N ILE B 48 -4.20 17.64 -20.56
CA ILE B 48 -4.70 17.51 -19.21
C ILE B 48 -3.52 17.34 -18.27
N GLN B 49 -3.31 18.32 -17.39
CA GLN B 49 -2.19 18.33 -16.47
C GLN B 49 -2.74 18.06 -15.06
N MET B 50 -2.71 16.80 -14.66
CA MET B 50 -3.16 16.40 -13.34
C MET B 50 -1.95 16.13 -12.47
N ARG B 51 -1.97 16.68 -11.26
CA ARG B 51 -0.88 16.50 -10.30
C ARG B 51 -1.36 15.69 -9.12
N THR B 52 -0.49 14.83 -8.60
CA THR B 52 -0.78 14.07 -7.40
C THR B 52 -1.02 15.01 -6.22
N ARG B 53 -2.24 15.03 -5.70
CA ARG B 53 -2.55 15.87 -4.56
C ARG B 53 -2.38 15.14 -3.24
N ARG B 54 -2.65 13.84 -3.20
CA ARG B 54 -2.45 13.04 -2.00
C ARG B 54 -1.74 11.75 -2.37
N THR B 55 -1.01 11.21 -1.40
CA THR B 55 -0.53 9.84 -1.46
C THR B 55 -0.91 9.17 -0.14
N LEU B 56 -1.60 8.04 -0.23
CA LEU B 56 -2.09 7.34 0.94
C LEU B 56 -1.16 6.17 1.24
N ARG B 57 -0.55 6.20 2.41
CA ARG B 57 0.45 5.22 2.82
C ARG B 57 -0.11 4.36 3.94
N GLY B 58 0.32 3.10 3.99
CA GLY B 58 -0.11 2.23 5.05
C GLY B 58 -0.30 0.79 4.63
N HIS B 59 -0.47 0.56 3.34
CA HIS B 59 -0.59 -0.80 2.84
C HIS B 59 0.80 -1.41 2.70
N LEU B 60 0.94 -2.65 3.16
CA LEU B 60 2.22 -3.34 3.12
C LEU B 60 2.26 -4.42 2.05
N ALA B 61 1.34 -4.38 1.10
CA ALA B 61 1.31 -5.34 0.01
C ALA B 61 0.61 -4.69 -1.18
N LYS B 62 0.44 -5.46 -2.24
CA LYS B 62 -0.17 -4.95 -3.46
C LYS B 62 -1.62 -4.58 -3.22
N ILE B 63 -2.09 -3.54 -3.89
CA ILE B 63 -3.49 -3.12 -3.84
C ILE B 63 -4.18 -3.65 -5.08
N TYR B 64 -5.25 -4.43 -4.89
CA TYR B 64 -6.04 -4.96 -5.99
C TYR B 64 -7.32 -4.21 -6.27
N ALA B 65 -7.93 -3.57 -5.29
CA ALA B 65 -9.17 -2.86 -5.57
C ALA B 65 -9.31 -1.66 -4.66
N MET B 66 -9.94 -0.62 -5.19
CA MET B 66 -10.43 0.49 -4.40
C MET B 66 -11.83 0.83 -4.88
N HIS B 67 -12.60 1.44 -3.98
CA HIS B 67 -13.90 1.97 -4.38
C HIS B 67 -14.18 3.23 -3.58
N TRP B 68 -14.72 4.23 -4.26
CA TRP B 68 -15.06 5.50 -3.65
C TRP B 68 -16.37 5.40 -2.89
N GLY B 69 -16.65 6.44 -2.11
CA GLY B 69 -17.93 6.62 -1.49
C GLY B 69 -18.75 7.66 -2.22
N THR B 70 -20.06 7.59 -2.01
CA THR B 70 -20.95 8.55 -2.64
C THR B 70 -20.72 9.97 -2.14
N ASP B 71 -20.07 10.12 -0.98
CA ASP B 71 -19.76 11.43 -0.44
C ASP B 71 -18.53 12.06 -1.09
N SER B 72 -17.84 11.31 -1.95
CA SER B 72 -16.66 11.78 -2.67
C SER B 72 -15.51 12.14 -1.75
N ARG B 73 -15.53 11.66 -0.51
CA ARG B 73 -14.47 11.93 0.44
C ARG B 73 -13.85 10.67 1.01
N LEU B 74 -14.65 9.67 1.32
CA LEU B 74 -14.16 8.40 1.83
C LEU B 74 -13.98 7.41 0.69
N LEU B 75 -12.98 6.54 0.84
CA LEU B 75 -12.78 5.47 -0.12
C LEU B 75 -12.27 4.24 0.62
N VAL B 76 -12.50 3.08 0.03
CA VAL B 76 -12.08 1.81 0.60
C VAL B 76 -11.00 1.24 -0.29
N SER B 77 -10.06 0.53 0.33
CA SER B 77 -8.93 -0.06 -0.39
C SER B 77 -8.71 -1.48 0.10
N ALA B 78 -8.33 -2.36 -0.82
CA ALA B 78 -8.05 -3.75 -0.50
C ALA B 78 -6.61 -4.06 -0.88
N SER B 79 -5.98 -4.93 -0.11
CA SER B 79 -4.60 -5.31 -0.36
C SER B 79 -4.37 -6.74 0.07
N GLN B 80 -3.33 -7.35 -0.49
CA GLN B 80 -3.01 -8.75 -0.22
C GLN B 80 -2.46 -8.95 1.18
N ASP B 81 -2.11 -7.87 1.88
CA ASP B 81 -1.71 -8.00 3.28
C ASP B 81 -2.87 -8.47 4.15
N GLY B 82 -4.10 -8.43 3.64
CA GLY B 82 -5.25 -8.87 4.36
C GLY B 82 -5.98 -7.81 5.13
N LYS B 83 -6.02 -6.58 4.62
CA LYS B 83 -6.62 -5.48 5.36
C LYS B 83 -7.37 -4.55 4.42
N LEU B 84 -8.59 -4.19 4.79
CA LEU B 84 -9.32 -3.10 4.17
C LEU B 84 -9.09 -1.85 4.99
N ILE B 85 -8.69 -0.77 4.33
CA ILE B 85 -8.53 0.52 4.97
C ILE B 85 -9.53 1.48 4.35
N ILE B 86 -10.23 2.22 5.20
CA ILE B 86 -11.12 3.29 4.76
C ILE B 86 -10.43 4.61 5.07
N TRP B 87 -10.21 5.40 4.02
CA TRP B 87 -9.40 6.60 4.10
C TRP B 87 -10.27 7.85 4.05
N ASP B 88 -9.83 8.88 4.76
CA ASP B 88 -10.36 10.23 4.61
C ASP B 88 -9.41 10.95 3.67
N SER B 89 -9.78 11.00 2.39
CA SER B 89 -8.86 11.48 1.37
C SER B 89 -8.45 12.93 1.59
N TYR B 90 -9.34 13.75 2.13
CA TYR B 90 -9.01 15.15 2.35
C TYR B 90 -7.87 15.30 3.35
N THR B 91 -7.90 14.53 4.43
CA THR B 91 -6.91 14.63 5.50
C THR B 91 -5.94 13.46 5.53
N THR B 92 -6.07 12.50 4.61
CA THR B 92 -5.21 11.32 4.50
C THR B 92 -5.30 10.42 5.73
N ASN B 93 -6.31 10.62 6.57
CA ASN B 93 -6.45 9.82 7.78
C ASN B 93 -7.00 8.44 7.45
N LYS B 94 -6.79 7.52 8.39
CA LYS B 94 -7.33 6.17 8.30
C LYS B 94 -8.52 6.07 9.24
N VAL B 95 -9.71 5.94 8.67
CA VAL B 95 -10.91 5.81 9.48
C VAL B 95 -10.99 4.43 10.11
N HIS B 96 -10.76 3.39 9.30
CA HIS B 96 -10.87 2.02 9.77
C HIS B 96 -9.78 1.17 9.15
N ALA B 97 -9.37 0.13 9.87
CA ALA B 97 -8.58 -0.95 9.32
C ALA B 97 -9.29 -2.25 9.66
N ILE B 98 -9.72 -2.98 8.64
CA ILE B 98 -10.58 -4.14 8.80
C ILE B 98 -9.78 -5.39 8.45
N PRO B 99 -9.37 -6.19 9.43
CA PRO B 99 -8.69 -7.44 9.13
C PRO B 99 -9.62 -8.42 8.43
N LEU B 100 -9.04 -9.20 7.52
CA LEU B 100 -9.80 -10.10 6.66
C LEU B 100 -9.42 -11.54 6.96
N ARG B 101 -10.40 -12.43 6.86
CA ARG B 101 -10.15 -13.85 7.10
C ARG B 101 -9.21 -14.43 6.06
N SER B 102 -9.37 -14.04 4.80
CA SER B 102 -8.52 -14.49 3.70
C SER B 102 -7.71 -13.30 3.19
N SER B 103 -6.42 -13.52 2.97
CA SER B 103 -5.54 -12.48 2.47
C SER B 103 -5.64 -12.29 0.97
N TRP B 104 -6.36 -13.16 0.27
CA TRP B 104 -6.45 -13.12 -1.19
C TRP B 104 -7.71 -12.39 -1.57
N VAL B 105 -7.60 -11.07 -1.68
CA VAL B 105 -8.74 -10.21 -1.95
C VAL B 105 -8.56 -9.59 -3.33
N MET B 106 -9.61 -9.69 -4.14
CA MET B 106 -9.58 -9.19 -5.49
C MET B 106 -10.53 -8.03 -5.72
N THR B 107 -11.50 -7.83 -4.86
CA THR B 107 -12.56 -6.85 -5.07
C THR B 107 -12.92 -6.19 -3.75
N CYS B 108 -13.48 -5.00 -3.87
CA CYS B 108 -13.97 -4.25 -2.72
C CYS B 108 -15.04 -3.30 -3.19
N ALA B 109 -16.11 -3.19 -2.41
CA ALA B 109 -17.22 -2.31 -2.71
C ALA B 109 -17.56 -1.48 -1.48
N TYR B 110 -18.05 -0.28 -1.72
CA TYR B 110 -18.48 0.63 -0.66
C TYR B 110 -19.95 0.87 -0.90
N ALA B 111 -20.78 0.56 0.10
CA ALA B 111 -22.22 0.68 -0.09
C ALA B 111 -22.60 2.13 -0.36
N PRO B 112 -23.62 2.36 -1.18
CA PRO B 112 -24.04 3.74 -1.46
C PRO B 112 -24.43 4.50 -0.21
N SER B 113 -25.03 3.83 0.76
CA SER B 113 -25.36 4.49 2.03
C SER B 113 -24.13 4.71 2.89
N GLY B 114 -23.09 3.91 2.71
CA GLY B 114 -21.89 4.03 3.51
C GLY B 114 -21.84 3.13 4.72
N ASN B 115 -22.90 2.39 5.01
CA ASN B 115 -22.94 1.57 6.20
C ASN B 115 -22.16 0.28 6.04
N TYR B 116 -21.91 -0.16 4.81
CA TYR B 116 -21.30 -1.45 4.56
C TYR B 116 -20.19 -1.34 3.53
N VAL B 117 -19.20 -2.22 3.68
CA VAL B 117 -18.18 -2.45 2.67
C VAL B 117 -18.13 -3.94 2.39
N ALA B 118 -18.00 -4.30 1.12
CA ALA B 118 -17.93 -5.68 0.71
C ALA B 118 -16.52 -6.05 0.28
N CYS B 119 -16.22 -7.34 0.33
CA CYS B 119 -14.91 -7.85 -0.04
C CYS B 119 -15.08 -9.27 -0.55
N GLY B 120 -14.09 -9.73 -1.30
CA GLY B 120 -14.10 -11.11 -1.75
C GLY B 120 -12.90 -11.38 -2.64
N GLY B 121 -12.68 -12.67 -2.88
CA GLY B 121 -11.54 -13.07 -3.67
C GLY B 121 -11.44 -14.56 -3.92
N LEU B 122 -10.25 -15.11 -3.71
CA LEU B 122 -9.97 -16.51 -3.96
C LEU B 122 -10.72 -17.45 -3.02
N ASP B 123 -11.32 -16.93 -1.96
CA ASP B 123 -12.07 -17.76 -1.03
C ASP B 123 -13.48 -18.07 -1.50
N ASN B 124 -13.88 -17.55 -2.65
CA ASN B 124 -15.20 -17.74 -3.25
C ASN B 124 -16.32 -17.17 -2.39
N ILE B 125 -16.02 -16.27 -1.47
CA ILE B 125 -17.00 -15.74 -0.53
C ILE B 125 -17.00 -14.22 -0.64
N CYS B 126 -18.18 -13.64 -0.77
CA CYS B 126 -18.35 -12.20 -0.63
C CYS B 126 -18.72 -11.91 0.82
N SER B 127 -17.84 -11.21 1.52
CA SER B 127 -18.02 -10.92 2.94
C SER B 127 -18.44 -9.47 3.10
N ILE B 128 -19.54 -9.26 3.81
CA ILE B 128 -20.10 -7.94 4.04
C ILE B 128 -19.74 -7.48 5.44
N TYR B 129 -19.31 -6.24 5.56
CA TYR B 129 -18.86 -5.66 6.81
C TYR B 129 -19.77 -4.52 7.24
N ASN B 130 -20.11 -4.49 8.53
CA ASN B 130 -20.94 -3.42 9.09
C ASN B 130 -20.01 -2.35 9.63
N LEU B 131 -19.90 -1.24 8.89
CA LEU B 131 -18.97 -0.20 9.27
C LEU B 131 -19.41 0.49 10.54
N LYS B 132 -20.60 1.08 10.52
CA LYS B 132 -21.08 1.91 11.61
C LYS B 132 -22.08 1.11 12.43
N THR B 133 -21.66 0.75 13.65
CA THR B 133 -22.45 -0.05 14.57
C THR B 133 -21.95 0.25 15.98
N ARG B 134 -22.71 -0.23 16.97
CA ARG B 134 -22.25 -0.16 18.36
C ARG B 134 -21.03 -1.05 18.52
N GLU B 135 -20.45 -1.07 19.71
CA GLU B 135 -19.22 -1.79 20.04
C GLU B 135 -18.00 -1.16 19.38
N GLY B 136 -18.17 -0.15 18.54
CA GLY B 136 -17.07 0.62 18.02
C GLY B 136 -16.32 -0.01 16.86
N ASN B 137 -16.34 -1.33 16.78
CA ASN B 137 -15.51 -2.07 15.83
C ASN B 137 -16.31 -2.56 14.63
N VAL B 138 -15.58 -2.88 13.56
CA VAL B 138 -16.17 -3.37 12.32
C VAL B 138 -16.17 -4.89 12.35
N ARG B 139 -17.34 -5.48 12.10
CA ARG B 139 -17.49 -6.93 12.18
C ARG B 139 -18.25 -7.45 10.97
N VAL B 140 -18.08 -8.74 10.70
CA VAL B 140 -18.72 -9.37 9.55
C VAL B 140 -20.21 -9.49 9.80
N SER B 141 -21.00 -8.99 8.86
CA SER B 141 -22.45 -9.15 8.94
C SER B 141 -22.92 -10.40 8.21
N ARG B 142 -22.36 -10.67 7.04
CA ARG B 142 -22.70 -11.89 6.31
C ARG B 142 -21.54 -12.35 5.46
N GLU B 143 -21.33 -13.66 5.43
CA GLU B 143 -20.47 -14.31 4.46
C GLU B 143 -21.36 -15.01 3.44
N LEU B 144 -21.32 -14.54 2.20
CA LEU B 144 -22.15 -15.07 1.14
C LEU B 144 -21.38 -16.15 0.38
N ALA B 145 -21.92 -17.37 0.36
CA ALA B 145 -21.29 -18.50 -0.28
C ALA B 145 -22.20 -19.06 -1.36
N GLY B 146 -21.59 -19.74 -2.33
CA GLY B 146 -22.36 -20.35 -3.40
C GLY B 146 -21.66 -20.34 -4.74
N HIS B 147 -20.68 -19.47 -4.90
CA HIS B 147 -19.89 -19.44 -6.12
C HIS B 147 -18.88 -20.58 -6.11
N THR B 148 -18.66 -21.19 -7.26
CA THR B 148 -17.67 -22.25 -7.39
C THR B 148 -16.33 -21.75 -7.93
N GLY B 149 -16.20 -20.45 -8.20
CA GLY B 149 -14.95 -19.87 -8.58
C GLY B 149 -14.68 -18.60 -7.79
N TYR B 150 -13.45 -18.11 -7.91
CA TYR B 150 -13.05 -16.92 -7.17
C TYR B 150 -13.94 -15.75 -7.53
N LEU B 151 -13.94 -14.75 -6.66
CA LEU B 151 -14.81 -13.60 -6.80
C LEU B 151 -14.02 -12.45 -7.40
N SER B 152 -14.52 -11.89 -8.49
CA SER B 152 -13.79 -10.90 -9.27
C SER B 152 -14.22 -9.47 -8.97
N CYS B 153 -15.53 -9.20 -8.95
CA CYS B 153 -16.04 -7.88 -8.67
C CYS B 153 -17.36 -7.99 -7.92
N CYS B 154 -17.65 -7.00 -7.09
CA CYS B 154 -18.92 -6.91 -6.39
C CYS B 154 -19.33 -5.45 -6.30
N ARG B 155 -20.61 -5.19 -6.53
CA ARG B 155 -21.16 -3.85 -6.46
C ARG B 155 -22.50 -3.90 -5.74
N PHE B 156 -22.79 -2.84 -5.00
CA PHE B 156 -24.04 -2.73 -4.27
C PHE B 156 -25.11 -2.05 -5.10
N LEU B 157 -26.35 -2.55 -4.99
CA LEU B 157 -27.52 -1.81 -5.44
C LEU B 157 -28.27 -1.15 -4.29
N ASP B 158 -28.17 -1.70 -3.10
CA ASP B 158 -28.82 -1.18 -1.91
C ASP B 158 -28.13 -1.81 -0.71
N ASP B 159 -28.55 -1.44 0.49
CA ASP B 159 -27.96 -2.02 1.69
C ASP B 159 -28.20 -3.51 1.78
N ASN B 160 -29.19 -4.05 1.07
CA ASN B 160 -29.52 -5.47 1.13
C ASN B 160 -29.69 -6.03 -0.28
N GLN B 161 -28.78 -5.69 -1.18
CA GLN B 161 -28.96 -6.03 -2.58
C GLN B 161 -27.60 -5.86 -3.24
N ILE B 162 -26.99 -6.95 -3.71
CA ILE B 162 -25.60 -6.91 -4.17
C ILE B 162 -25.40 -7.85 -5.36
N VAL B 163 -24.62 -7.39 -6.35
CA VAL B 163 -24.29 -8.17 -7.53
C VAL B 163 -22.82 -8.55 -7.48
N THR B 164 -22.52 -9.81 -7.75
CA THR B 164 -21.16 -10.33 -7.72
C THR B 164 -20.83 -11.03 -9.03
N SER B 165 -19.55 -11.01 -9.38
CA SER B 165 -19.04 -11.73 -10.55
C SER B 165 -17.94 -12.67 -10.12
N SER B 166 -17.95 -13.88 -10.68
CA SER B 166 -17.02 -14.91 -10.26
C SER B 166 -16.34 -15.55 -11.46
N GLY B 167 -15.29 -16.31 -11.17
CA GLY B 167 -14.55 -17.05 -12.16
C GLY B 167 -15.19 -18.36 -12.56
N ASP B 168 -16.42 -18.62 -12.13
CA ASP B 168 -17.17 -19.78 -12.54
C ASP B 168 -18.11 -19.48 -13.68
N THR B 169 -17.81 -18.45 -14.47
CA THR B 169 -18.57 -18.03 -15.64
C THR B 169 -19.98 -17.56 -15.29
N THR B 170 -20.21 -17.09 -14.07
CA THR B 170 -21.54 -16.66 -13.66
C THR B 170 -21.47 -15.38 -12.84
N CYS B 171 -22.52 -14.60 -12.92
CA CYS B 171 -22.78 -13.49 -12.03
C CYS B 171 -24.01 -13.80 -11.21
N ALA B 172 -24.08 -13.23 -10.01
CA ALA B 172 -25.09 -13.57 -9.04
C ALA B 172 -25.71 -12.32 -8.45
N LEU B 173 -26.99 -12.43 -8.08
CA LEU B 173 -27.70 -11.39 -7.37
C LEU B 173 -28.10 -11.96 -6.01
N TRP B 174 -27.81 -11.22 -4.94
CA TRP B 174 -27.98 -11.74 -3.60
C TRP B 174 -28.95 -10.88 -2.79
N ASP B 175 -29.63 -11.51 -1.84
CA ASP B 175 -30.34 -10.83 -0.78
C ASP B 175 -29.58 -11.08 0.51
N ILE B 176 -28.98 -10.04 1.06
CA ILE B 176 -28.10 -10.21 2.22
C ILE B 176 -28.90 -10.54 3.47
N GLU B 177 -30.12 -10.01 3.58
CA GLU B 177 -30.96 -10.37 4.73
C GLU B 177 -31.27 -11.86 4.72
N THR B 178 -31.65 -12.41 3.56
CA THR B 178 -31.84 -13.84 3.44
C THR B 178 -30.50 -14.57 3.39
N GLY B 179 -29.55 -14.05 2.63
CA GLY B 179 -28.25 -14.67 2.52
C GLY B 179 -28.09 -15.66 1.40
N GLN B 180 -29.01 -15.66 0.43
CA GLN B 180 -29.01 -16.64 -0.63
C GLN B 180 -29.18 -15.96 -1.98
N GLN B 181 -28.71 -16.65 -3.02
CA GLN B 181 -28.80 -16.15 -4.38
C GLN B 181 -30.25 -15.98 -4.81
N THR B 182 -30.56 -14.84 -5.40
CA THR B 182 -31.86 -14.58 -5.99
C THR B 182 -31.89 -14.89 -7.49
N THR B 183 -30.89 -14.41 -8.22
CA THR B 183 -30.78 -14.62 -9.65
C THR B 183 -29.37 -15.06 -9.97
N THR B 184 -29.24 -16.02 -10.88
CA THR B 184 -27.95 -16.44 -11.41
C THR B 184 -27.91 -16.09 -12.88
N PHE B 185 -26.93 -15.28 -13.27
CA PHE B 185 -26.80 -14.81 -14.64
C PHE B 185 -25.80 -15.70 -15.36
N THR B 186 -26.29 -16.51 -16.29
CA THR B 186 -25.49 -17.50 -16.99
C THR B 186 -25.47 -17.20 -18.47
N GLY B 187 -24.37 -17.56 -19.12
CA GLY B 187 -24.22 -17.28 -20.54
C GLY B 187 -22.80 -16.98 -20.96
N HIS B 188 -21.91 -16.84 -20.00
CA HIS B 188 -20.49 -16.65 -20.29
C HIS B 188 -19.79 -18.00 -20.33
N THR B 189 -18.85 -18.14 -21.26
CA THR B 189 -18.07 -19.35 -21.41
C THR B 189 -16.68 -19.23 -20.82
N GLY B 190 -16.42 -18.14 -20.10
CA GLY B 190 -15.15 -17.91 -19.45
C GLY B 190 -15.36 -17.13 -18.18
N ASP B 191 -14.27 -16.88 -17.47
CA ASP B 191 -14.33 -16.19 -16.20
C ASP B 191 -14.76 -14.74 -16.40
N VAL B 192 -15.58 -14.24 -15.49
CA VAL B 192 -16.04 -12.87 -15.52
C VAL B 192 -15.13 -12.03 -14.63
N MET B 193 -14.45 -11.05 -15.22
CA MET B 193 -13.45 -10.26 -14.53
C MET B 193 -13.97 -8.92 -14.01
N SER B 194 -15.05 -8.40 -14.57
CA SER B 194 -15.53 -7.10 -14.12
C SER B 194 -17.02 -6.99 -14.40
N LEU B 195 -17.65 -6.06 -13.69
CA LEU B 195 -19.01 -5.67 -14.00
C LEU B 195 -19.19 -4.21 -13.61
N SER B 196 -20.12 -3.55 -14.26
CA SER B 196 -20.47 -2.17 -13.99
C SER B 196 -21.97 -2.05 -13.86
N LEU B 197 -22.42 -1.17 -12.98
CA LEU B 197 -23.83 -0.99 -12.71
C LEU B 197 -24.34 0.26 -13.41
N ALA B 198 -25.49 0.14 -14.05
CA ALA B 198 -26.10 1.29 -14.68
C ALA B 198 -26.49 2.34 -13.64
N PRO B 199 -26.44 3.62 -14.01
CA PRO B 199 -26.82 4.66 -13.04
C PRO B 199 -28.24 4.55 -12.53
N ASP B 200 -29.13 3.87 -13.25
CA ASP B 200 -30.48 3.62 -12.75
C ASP B 200 -30.59 2.31 -11.99
N THR B 201 -29.49 1.56 -11.85
CA THR B 201 -29.43 0.30 -11.11
C THR B 201 -30.39 -0.75 -11.65
N ARG B 202 -30.84 -0.61 -12.89
CA ARG B 202 -31.72 -1.59 -13.52
C ARG B 202 -31.04 -2.45 -14.56
N LEU B 203 -29.78 -2.19 -14.87
CA LEU B 203 -29.01 -2.97 -15.83
C LEU B 203 -27.58 -3.06 -15.34
N PHE B 204 -26.86 -4.09 -15.81
CA PHE B 204 -25.43 -4.15 -15.54
C PHE B 204 -24.74 -4.93 -16.64
N VAL B 205 -23.54 -4.47 -16.98
CA VAL B 205 -22.71 -5.09 -18.00
C VAL B 205 -21.65 -5.93 -17.33
N SER B 206 -21.26 -7.02 -18.00
CA SER B 206 -20.26 -7.95 -17.48
C SER B 206 -19.22 -8.22 -18.56
N GLY B 207 -17.95 -8.06 -18.20
CA GLY B 207 -16.84 -8.39 -19.07
C GLY B 207 -16.20 -9.69 -18.61
N ALA B 208 -15.98 -10.58 -19.57
CA ALA B 208 -15.51 -11.92 -19.27
C ALA B 208 -14.25 -12.22 -20.06
N CYS B 209 -13.60 -13.32 -19.70
CA CYS B 209 -12.38 -13.78 -20.33
C CYS B 209 -12.63 -14.52 -21.64
N ASP B 210 -13.84 -14.45 -22.17
CA ASP B 210 -14.14 -14.99 -23.50
C ASP B 210 -14.20 -13.88 -24.55
N ALA B 211 -13.65 -12.71 -24.25
CA ALA B 211 -13.64 -11.55 -25.14
C ALA B 211 -15.05 -11.07 -25.46
N SER B 212 -15.98 -11.23 -24.53
CA SER B 212 -17.36 -10.83 -24.73
C SER B 212 -17.82 -9.94 -23.59
N ALA B 213 -18.79 -9.07 -23.89
CA ALA B 213 -19.44 -8.22 -22.92
C ALA B 213 -20.94 -8.41 -23.04
N LYS B 214 -21.61 -8.63 -21.91
CA LYS B 214 -23.04 -8.93 -21.90
C LYS B 214 -23.78 -7.94 -21.02
N LEU B 215 -24.93 -7.49 -21.52
CA LEU B 215 -25.82 -6.59 -20.79
C LEU B 215 -26.97 -7.40 -20.22
N TRP B 216 -27.16 -7.31 -18.91
CA TRP B 216 -28.16 -8.10 -18.20
C TRP B 216 -29.29 -7.21 -17.69
N ASP B 217 -30.45 -7.82 -17.50
CA ASP B 217 -31.58 -7.18 -16.85
C ASP B 217 -31.72 -7.78 -15.46
N VAL B 218 -31.52 -6.93 -14.44
CA VAL B 218 -31.49 -7.42 -13.06
C VAL B 218 -32.85 -7.96 -12.65
N ARG B 219 -33.92 -7.25 -13.01
CA ARG B 219 -35.26 -7.68 -12.59
C ARG B 219 -35.63 -9.03 -13.20
N GLU B 220 -35.30 -9.25 -14.47
CA GLU B 220 -35.66 -10.50 -15.13
C GLU B 220 -34.60 -11.58 -14.93
N GLY B 221 -33.37 -11.32 -15.36
CA GLY B 221 -32.32 -12.30 -15.25
C GLY B 221 -31.88 -12.83 -16.59
N MET B 222 -31.95 -11.99 -17.62
CA MET B 222 -31.68 -12.39 -18.99
C MET B 222 -30.56 -11.55 -19.57
N CYS B 223 -29.87 -12.11 -20.55
CA CYS B 223 -28.82 -11.40 -21.28
C CYS B 223 -29.47 -10.73 -22.48
N ARG B 224 -29.71 -9.43 -22.37
CA ARG B 224 -30.42 -8.72 -23.42
C ARG B 224 -29.58 -8.63 -24.69
N GLN B 225 -28.31 -8.24 -24.55
CA GLN B 225 -27.42 -8.06 -25.68
C GLN B 225 -26.07 -8.67 -25.37
N THR B 226 -25.36 -9.09 -26.42
CA THR B 226 -23.99 -9.58 -26.31
C THR B 226 -23.12 -8.82 -27.30
N PHE B 227 -22.00 -8.29 -26.81
CA PHE B 227 -21.08 -7.48 -27.60
C PHE B 227 -19.77 -8.24 -27.75
N THR B 228 -19.30 -8.37 -28.99
CA THR B 228 -18.08 -9.13 -29.29
C THR B 228 -17.25 -8.31 -30.28
N GLY B 229 -16.27 -7.57 -29.75
CA GLY B 229 -15.36 -6.84 -30.61
C GLY B 229 -13.91 -6.94 -30.22
N HIS B 230 -13.64 -7.44 -29.03
CA HIS B 230 -12.28 -7.54 -28.53
C HIS B 230 -11.62 -8.79 -29.09
N GLU B 231 -10.38 -9.03 -28.67
CA GLU B 231 -9.67 -10.24 -29.07
C GLU B 231 -8.89 -10.87 -27.93
N SER B 232 -9.05 -10.37 -26.71
CA SER B 232 -8.42 -10.98 -25.54
C SER B 232 -9.37 -10.82 -24.37
N ASP B 233 -8.88 -11.14 -23.18
CA ASP B 233 -9.69 -11.10 -21.97
C ASP B 233 -10.11 -9.66 -21.67
N ILE B 234 -11.38 -9.46 -21.33
CA ILE B 234 -11.84 -8.16 -20.86
C ILE B 234 -11.58 -8.06 -19.37
N ASN B 235 -10.80 -7.07 -18.97
CA ASN B 235 -10.41 -6.90 -17.58
C ASN B 235 -11.17 -5.80 -16.86
N ALA B 236 -11.71 -4.83 -17.58
CA ALA B 236 -12.38 -3.70 -16.97
C ALA B 236 -13.59 -3.31 -17.80
N ILE B 237 -14.52 -2.62 -17.16
CA ILE B 237 -15.76 -2.20 -17.81
C ILE B 237 -16.33 -1.04 -17.01
N CYS B 238 -16.99 -0.12 -17.69
CA CYS B 238 -17.55 1.06 -17.02
C CYS B 238 -18.61 1.68 -17.90
N PHE B 239 -19.77 1.97 -17.32
CA PHE B 239 -20.82 2.68 -18.03
C PHE B 239 -20.44 4.12 -18.30
N PHE B 240 -20.92 4.62 -19.44
CA PHE B 240 -21.00 6.04 -19.68
C PHE B 240 -21.98 6.65 -18.67
N PRO B 241 -21.75 7.91 -18.26
CA PRO B 241 -22.67 8.52 -17.30
C PRO B 241 -24.12 8.54 -17.78
N ASN B 242 -24.34 8.64 -19.08
CA ASN B 242 -25.69 8.62 -19.62
C ASN B 242 -26.41 7.32 -19.30
N GLY B 243 -25.66 6.23 -19.20
CA GLY B 243 -26.27 4.92 -19.08
C GLY B 243 -26.60 4.24 -20.39
N ASN B 244 -26.20 4.84 -21.51
CA ASN B 244 -26.47 4.29 -22.83
C ASN B 244 -25.24 3.78 -23.53
N ALA B 245 -24.08 3.80 -22.88
CA ALA B 245 -22.86 3.28 -23.48
C ALA B 245 -21.93 2.80 -22.38
N PHE B 246 -20.98 1.96 -22.76
CA PHE B 246 -19.95 1.52 -21.83
C PHE B 246 -18.65 1.32 -22.57
N ALA B 247 -17.56 1.37 -21.81
CA ALA B 247 -16.22 1.17 -22.33
C ALA B 247 -15.59 -0.04 -21.67
N THR B 248 -14.75 -0.75 -22.42
CA THR B 248 -14.13 -1.98 -21.97
C THR B 248 -12.62 -1.91 -22.11
N GLY B 249 -11.94 -2.71 -21.33
CA GLY B 249 -10.49 -2.77 -21.37
C GLY B 249 -10.03 -4.20 -21.43
N SER B 250 -9.07 -4.46 -22.31
CA SER B 250 -8.67 -5.83 -22.60
C SER B 250 -7.15 -5.96 -22.54
N ASP B 251 -6.71 -7.21 -22.45
CA ASP B 251 -5.30 -7.56 -22.50
C ASP B 251 -4.69 -7.34 -23.87
N ASP B 252 -5.47 -6.88 -24.85
CA ASP B 252 -4.95 -6.59 -26.18
C ASP B 252 -4.58 -5.13 -26.35
N ALA B 253 -4.50 -4.37 -25.25
CA ALA B 253 -4.08 -2.98 -25.26
C ALA B 253 -5.03 -2.10 -26.07
N THR B 254 -6.33 -2.35 -25.94
CA THR B 254 -7.33 -1.53 -26.59
C THR B 254 -8.49 -1.28 -25.65
N CYS B 255 -8.99 -0.05 -25.66
CA CYS B 255 -10.25 0.32 -25.05
C CYS B 255 -11.28 0.51 -26.14
N ARG B 256 -12.50 0.01 -25.93
CA ARG B 256 -13.55 0.13 -26.93
C ARG B 256 -14.81 0.68 -26.30
N LEU B 257 -15.55 1.47 -27.07
CA LEU B 257 -16.81 2.04 -26.64
C LEU B 257 -17.95 1.34 -27.37
N PHE B 258 -18.95 0.91 -26.60
CA PHE B 258 -20.10 0.18 -27.13
C PHE B 258 -21.37 0.94 -26.82
N ASP B 259 -22.25 1.04 -27.82
CA ASP B 259 -23.54 1.69 -27.65
C ASP B 259 -24.61 0.64 -27.41
N LEU B 260 -25.46 0.89 -26.42
CA LEU B 260 -26.52 -0.06 -26.11
C LEU B 260 -27.64 0.01 -27.14
N ARG B 261 -27.99 1.20 -27.58
CA ARG B 261 -29.14 1.38 -28.46
C ARG B 261 -28.85 0.91 -29.88
N ALA B 262 -27.69 1.28 -30.43
CA ALA B 262 -27.30 0.79 -31.74
C ALA B 262 -26.82 -0.64 -31.70
N ASP B 263 -26.22 -1.06 -30.58
CA ASP B 263 -25.73 -2.43 -30.36
C ASP B 263 -24.59 -2.75 -31.31
N GLN B 264 -23.57 -1.91 -31.28
CA GLN B 264 -22.23 -2.27 -31.74
C GLN B 264 -21.25 -1.22 -31.26
N GLU B 265 -20.00 -1.38 -31.65
CA GLU B 265 -18.89 -0.59 -31.16
C GLU B 265 -18.80 0.73 -31.89
N LEU B 266 -18.54 1.79 -31.15
CA LEU B 266 -18.46 3.13 -31.71
C LEU B 266 -17.04 3.64 -31.86
N MET B 267 -16.10 3.22 -31.02
CA MET B 267 -14.78 3.80 -31.06
C MET B 267 -13.78 2.81 -30.48
N THR B 268 -12.53 2.94 -30.88
CA THR B 268 -11.43 2.14 -30.36
C THR B 268 -10.31 3.07 -29.92
N TYR B 269 -9.74 2.78 -28.76
CA TYR B 269 -8.70 3.62 -28.15
C TYR B 269 -7.41 2.80 -28.12
N SER B 270 -6.65 2.87 -29.20
CA SER B 270 -5.40 2.14 -29.33
C SER B 270 -4.29 3.10 -29.75
N HIS B 271 -3.06 2.63 -29.60
CA HIS B 271 -1.89 3.44 -29.91
C HIS B 271 -0.70 2.50 -30.01
N ASP B 272 0.10 2.66 -31.07
CA ASP B 272 1.15 1.70 -31.36
C ASP B 272 2.17 1.61 -30.22
N ASN B 273 2.36 2.69 -29.46
CA ASN B 273 3.30 2.64 -28.35
C ASN B 273 2.83 1.71 -27.25
N ILE B 274 1.53 1.66 -26.99
CA ILE B 274 0.99 0.80 -25.95
C ILE B 274 0.87 -0.62 -26.48
N ILE B 275 1.51 -1.56 -25.79
CA ILE B 275 1.36 -2.98 -26.07
C ILE B 275 0.94 -3.78 -24.84
N CYS B 276 0.69 -3.11 -23.72
CA CYS B 276 0.35 -3.77 -22.46
C CYS B 276 -1.15 -3.70 -22.22
N GLY B 277 -1.65 -4.66 -21.47
CA GLY B 277 -3.07 -4.76 -21.20
C GLY B 277 -3.57 -3.65 -20.29
N ILE B 278 -4.89 -3.52 -20.26
CA ILE B 278 -5.57 -2.50 -19.48
C ILE B 278 -6.20 -3.15 -18.26
N THR B 279 -5.86 -2.64 -17.08
CA THR B 279 -6.32 -3.22 -15.83
C THR B 279 -7.62 -2.60 -15.36
N SER B 280 -7.73 -1.28 -15.41
CA SER B 280 -8.89 -0.55 -14.93
C SER B 280 -9.31 0.50 -15.95
N VAL B 281 -10.59 0.82 -15.94
CA VAL B 281 -11.15 1.83 -16.83
C VAL B 281 -12.16 2.66 -16.05
N SER B 282 -12.29 3.92 -16.42
CA SER B 282 -13.23 4.81 -15.75
C SER B 282 -13.50 6.03 -16.62
N PHE B 283 -14.67 6.62 -16.43
CA PHE B 283 -15.07 7.83 -17.12
C PHE B 283 -15.06 9.01 -16.15
N SER B 284 -15.10 10.21 -16.72
CA SER B 284 -15.25 11.42 -15.94
C SER B 284 -16.74 11.71 -15.76
N LYS B 285 -17.05 12.78 -15.03
CA LYS B 285 -18.43 13.07 -14.67
C LYS B 285 -19.29 13.39 -15.90
N SER B 286 -18.69 13.98 -16.93
CA SER B 286 -19.42 14.34 -18.14
C SER B 286 -19.30 13.30 -19.25
N GLY B 287 -18.28 12.47 -19.21
CA GLY B 287 -18.05 11.48 -20.24
C GLY B 287 -17.06 11.91 -21.30
N ARG B 288 -16.53 13.12 -21.23
CA ARG B 288 -15.59 13.60 -22.23
C ARG B 288 -14.21 12.96 -22.08
N LEU B 289 -13.90 12.42 -20.90
CA LEU B 289 -12.60 11.81 -20.65
C LEU B 289 -12.77 10.35 -20.28
N LEU B 290 -11.94 9.51 -20.87
CA LEU B 290 -11.86 8.09 -20.50
C LEU B 290 -10.48 7.87 -19.90
N LEU B 291 -10.46 7.32 -18.69
CA LEU B 291 -9.23 7.07 -17.96
C LEU B 291 -9.04 5.56 -17.87
N ALA B 292 -7.86 5.09 -18.28
CA ALA B 292 -7.56 3.66 -18.26
C ALA B 292 -6.19 3.44 -17.65
N GLY B 293 -6.10 2.43 -16.79
CA GLY B 293 -4.85 2.05 -16.17
C GLY B 293 -4.22 0.87 -16.90
N TYR B 294 -2.90 0.88 -16.98
CA TYR B 294 -2.17 -0.07 -17.80
C TYR B 294 -1.15 -0.82 -16.96
N ASP B 295 -0.73 -1.97 -17.47
CA ASP B 295 0.33 -2.75 -16.83
C ASP B 295 1.69 -2.07 -16.94
N ASP B 296 1.84 -1.04 -17.77
CA ASP B 296 3.12 -0.40 -18.00
C ASP B 296 3.40 0.70 -16.99
N PHE B 297 2.85 0.59 -15.80
CA PHE B 297 3.15 1.36 -14.60
C PHE B 297 2.45 2.71 -14.60
N ASN B 298 1.68 3.07 -15.63
CA ASN B 298 1.11 4.40 -15.72
C ASN B 298 -0.30 4.35 -16.30
N CYS B 299 -0.99 5.48 -16.21
CA CYS B 299 -2.40 5.61 -16.58
C CYS B 299 -2.53 6.62 -17.71
N ASN B 300 -3.54 6.41 -18.55
CA ASN B 300 -3.77 7.24 -19.72
C ASN B 300 -5.14 7.90 -19.63
N VAL B 301 -5.24 9.09 -20.24
CA VAL B 301 -6.47 9.85 -20.30
C VAL B 301 -6.79 10.06 -21.78
N TRP B 302 -7.89 9.48 -22.24
CA TRP B 302 -8.31 9.58 -23.63
C TRP B 302 -9.49 10.54 -23.76
N ASP B 303 -9.59 11.15 -24.93
CA ASP B 303 -10.77 11.92 -25.30
C ASP B 303 -11.81 10.96 -25.84
N ALA B 304 -12.93 10.82 -25.13
CA ALA B 304 -13.89 9.78 -25.45
C ALA B 304 -14.67 10.05 -26.74
N LEU B 305 -14.54 11.24 -27.32
CA LEU B 305 -15.25 11.55 -28.56
C LEU B 305 -14.34 11.70 -29.76
N LYS B 306 -13.05 11.94 -29.56
CA LYS B 306 -12.10 12.09 -30.66
C LYS B 306 -11.02 11.02 -30.66
N ALA B 307 -10.99 10.16 -29.64
CA ALA B 307 -10.08 9.01 -29.56
C ALA B 307 -8.62 9.41 -29.48
N ASP B 308 -8.34 10.67 -29.19
CA ASP B 308 -6.97 11.17 -29.10
C ASP B 308 -6.54 11.19 -27.64
N ARG B 309 -5.29 10.81 -27.39
CA ARG B 309 -4.76 10.87 -26.05
C ARG B 309 -4.72 12.32 -25.57
N ALA B 310 -5.09 12.52 -24.31
CA ALA B 310 -5.19 13.86 -23.74
C ALA B 310 -4.27 14.07 -22.56
N GLY B 311 -3.42 13.10 -22.23
CA GLY B 311 -2.52 13.24 -21.10
C GLY B 311 -2.07 11.89 -20.60
N VAL B 312 -1.43 11.92 -19.44
CA VAL B 312 -0.91 10.72 -18.81
C VAL B 312 -0.76 11.00 -17.32
N LEU B 313 -1.01 9.99 -16.51
CA LEU B 313 -0.82 10.06 -15.06
C LEU B 313 0.26 9.03 -14.71
N ALA B 314 1.51 9.48 -14.68
CA ALA B 314 2.67 8.62 -14.48
C ALA B 314 3.25 8.91 -13.10
N GLY B 315 2.86 8.12 -12.11
CA GLY B 315 3.37 8.31 -10.77
C GLY B 315 3.55 7.04 -9.97
N HIS B 316 3.40 5.88 -10.60
CA HIS B 316 3.44 4.61 -9.89
C HIS B 316 4.65 3.79 -10.31
N ASP B 317 5.14 3.00 -9.38
CA ASP B 317 6.35 2.22 -9.56
C ASP B 317 6.06 0.75 -9.84
N ASN B 318 4.80 0.37 -10.02
CA ASN B 318 4.43 -0.97 -10.45
C ASN B 318 3.08 -0.90 -11.16
N ARG B 319 2.51 -2.09 -11.42
CA ARG B 319 1.26 -2.19 -12.16
C ARG B 319 0.13 -1.42 -11.49
N VAL B 320 -0.57 -0.61 -12.30
CA VAL B 320 -1.72 0.14 -11.82
C VAL B 320 -2.93 -0.79 -11.86
N SER B 321 -3.45 -1.13 -10.67
CA SER B 321 -4.46 -2.17 -10.56
C SER B 321 -5.87 -1.64 -10.49
N CYS B 322 -6.08 -0.44 -9.95
CA CYS B 322 -7.43 0.06 -9.75
C CYS B 322 -7.46 1.54 -10.09
N LEU B 323 -8.68 2.05 -10.27
CA LEU B 323 -8.89 3.40 -10.75
C LEU B 323 -10.33 3.81 -10.51
N GLY B 324 -10.54 4.97 -9.93
CA GLY B 324 -11.88 5.45 -9.66
C GLY B 324 -11.97 6.95 -9.79
N VAL B 325 -13.15 7.43 -10.13
CA VAL B 325 -13.45 8.85 -10.24
C VAL B 325 -14.61 9.14 -9.30
N THR B 326 -14.49 10.20 -8.51
CA THR B 326 -15.51 10.54 -7.53
C THR B 326 -16.81 10.90 -8.22
N ASP B 327 -17.91 10.75 -7.48
CA ASP B 327 -19.22 11.06 -8.02
C ASP B 327 -19.39 12.54 -8.33
N ASP B 328 -18.58 13.40 -7.74
CA ASP B 328 -18.59 14.82 -8.07
C ASP B 328 -17.49 15.20 -9.05
N GLY B 329 -16.70 14.24 -9.50
CA GLY B 329 -15.67 14.52 -10.48
C GLY B 329 -14.57 15.45 -9.99
N MET B 330 -14.33 15.50 -8.69
CA MET B 330 -13.28 16.36 -8.18
C MET B 330 -11.92 15.68 -8.18
N ALA B 331 -11.89 14.36 -8.14
CA ALA B 331 -10.64 13.65 -7.95
C ALA B 331 -10.65 12.33 -8.68
N VAL B 332 -9.44 11.81 -8.92
CA VAL B 332 -9.21 10.50 -9.49
C VAL B 332 -8.24 9.77 -8.60
N ALA B 333 -8.56 8.56 -8.22
CA ALA B 333 -7.72 7.78 -7.33
C ALA B 333 -7.23 6.53 -8.04
N THR B 334 -5.94 6.31 -7.97
CA THR B 334 -5.29 5.16 -8.58
C THR B 334 -4.62 4.35 -7.49
N GLY B 335 -4.58 3.04 -7.68
CA GLY B 335 -3.83 2.17 -6.81
C GLY B 335 -2.94 1.27 -7.66
N SER B 336 -1.88 0.78 -7.04
CA SER B 336 -0.90 0.01 -7.78
C SER B 336 -0.40 -1.14 -6.94
N TRP B 337 0.32 -2.05 -7.60
CA TRP B 337 0.99 -3.15 -6.93
C TRP B 337 2.19 -2.67 -6.12
N ASP B 338 2.58 -1.41 -6.25
CA ASP B 338 3.63 -0.83 -5.41
C ASP B 338 3.10 -0.36 -4.06
N SER B 339 1.90 -0.76 -3.69
CA SER B 339 1.36 -0.58 -2.33
C SER B 339 1.07 0.88 -2.02
N PHE B 340 0.61 1.64 -3.01
CA PHE B 340 0.35 3.06 -2.83
C PHE B 340 -0.92 3.45 -3.54
N LEU B 341 -1.57 4.47 -3.01
CA LEU B 341 -2.72 5.12 -3.65
C LEU B 341 -2.38 6.58 -3.87
N LYS B 342 -2.97 7.17 -4.91
CA LYS B 342 -2.68 8.55 -5.23
C LYS B 342 -3.95 9.23 -5.72
N ILE B 343 -4.18 10.44 -5.23
CA ILE B 343 -5.35 11.22 -5.60
C ILE B 343 -4.90 12.32 -6.55
N TRP B 344 -5.41 12.28 -7.78
CA TRP B 344 -5.04 13.21 -8.82
C TRP B 344 -6.20 14.16 -9.08
N ASN B 345 -5.86 15.37 -9.51
CA ASN B 345 -6.88 16.40 -9.71
C ASN B 345 -6.52 17.30 -10.89
N GLN C 11 -28.97 -28.13 -23.94
CA GLN C 11 -27.92 -28.42 -24.92
C GLN C 11 -27.72 -27.22 -25.85
N ALA C 12 -27.97 -27.44 -27.14
CA ALA C 12 -27.85 -26.40 -28.14
C ALA C 12 -29.15 -25.63 -28.37
N ARG C 13 -30.23 -26.03 -27.71
CA ARG C 13 -31.49 -25.30 -27.85
C ARG C 13 -31.47 -23.99 -27.08
N LYS C 14 -30.59 -23.85 -26.07
CA LYS C 14 -30.49 -22.60 -25.34
C LYS C 14 -29.81 -21.52 -26.16
N LEU C 15 -28.76 -21.88 -26.88
CA LEU C 15 -28.04 -20.90 -27.70
C LEU C 15 -28.92 -20.37 -28.83
N VAL C 16 -29.67 -21.26 -29.48
CA VAL C 16 -30.55 -20.81 -30.56
C VAL C 16 -31.71 -19.98 -30.01
N GLU C 17 -32.16 -20.31 -28.80
CA GLU C 17 -33.25 -19.53 -28.20
C GLU C 17 -32.76 -18.17 -27.75
N GLN C 18 -31.54 -18.10 -27.22
CA GLN C 18 -31.00 -16.82 -26.75
C GLN C 18 -30.68 -15.90 -27.92
N LEU C 19 -30.11 -16.44 -29.00
CA LEU C 19 -29.78 -15.62 -30.16
C LEU C 19 -31.04 -15.04 -30.79
N LYS C 20 -32.17 -15.73 -30.63
CA LYS C 20 -33.43 -15.20 -31.15
C LYS C 20 -33.84 -13.93 -30.42
N MET C 21 -33.63 -13.89 -29.10
CA MET C 21 -33.97 -12.71 -28.33
C MET C 21 -33.16 -11.50 -28.77
N GLU C 22 -31.87 -11.70 -29.03
CA GLU C 22 -31.01 -10.62 -29.48
C GLU C 22 -31.14 -10.35 -30.98
N ALA C 23 -31.77 -11.25 -31.73
CA ALA C 23 -31.90 -11.05 -33.17
C ALA C 23 -32.95 -10.01 -33.52
N ASN C 24 -34.00 -9.88 -32.71
CA ASN C 24 -35.10 -8.97 -32.97
C ASN C 24 -35.17 -7.94 -31.84
N ILE C 25 -34.37 -6.89 -31.95
CA ILE C 25 -34.42 -5.75 -31.05
C ILE C 25 -34.34 -4.48 -31.88
N ASP C 26 -34.82 -3.38 -31.29
CA ASP C 26 -34.93 -2.12 -32.02
C ASP C 26 -33.59 -1.41 -32.02
N ARG C 27 -32.84 -1.54 -33.10
CA ARG C 27 -31.59 -0.83 -33.26
C ARG C 27 -31.87 0.58 -33.75
N ILE C 28 -30.98 1.51 -33.39
CA ILE C 28 -31.04 2.86 -33.91
C ILE C 28 -29.73 3.12 -34.64
N LYS C 29 -29.71 4.17 -35.44
CA LYS C 29 -28.56 4.46 -36.28
C LYS C 29 -27.41 5.03 -35.46
N VAL C 30 -26.19 4.77 -35.92
CA VAL C 30 -25.01 5.26 -35.22
C VAL C 30 -24.91 6.77 -35.29
N SER C 31 -25.44 7.37 -36.36
CA SER C 31 -25.47 8.83 -36.44
C SER C 31 -26.26 9.42 -35.29
N LYS C 32 -27.36 8.77 -34.90
CA LYS C 32 -28.11 9.24 -33.75
C LYS C 32 -27.39 8.92 -32.45
N ALA C 33 -26.55 7.89 -32.44
CA ALA C 33 -25.80 7.54 -31.24
C ALA C 33 -24.78 8.60 -30.89
N ALA C 34 -23.96 9.01 -31.86
CA ALA C 34 -22.89 9.96 -31.58
C ALA C 34 -23.44 11.31 -31.15
N ALA C 35 -24.52 11.77 -31.79
CA ALA C 35 -25.11 13.05 -31.43
C ALA C 35 -25.62 13.04 -30.00
N ASP C 36 -26.25 11.93 -29.58
CA ASP C 36 -26.73 11.83 -28.21
C ASP C 36 -25.57 11.83 -27.21
N LEU C 37 -24.48 11.13 -27.53
CA LEU C 37 -23.30 11.17 -26.68
C LEU C 37 -22.67 12.55 -26.69
N MET C 38 -22.59 13.19 -27.86
CA MET C 38 -22.00 14.51 -27.97
C MET C 38 -22.81 15.54 -27.18
N ALA C 39 -24.14 15.43 -27.21
CA ALA C 39 -24.98 16.38 -26.51
C ALA C 39 -24.77 16.30 -25.00
N TYR C 40 -24.65 15.08 -24.48
CA TYR C 40 -24.42 14.91 -23.04
C TYR C 40 -23.09 15.51 -22.62
N CYS C 41 -22.08 15.40 -23.48
CA CYS C 41 -20.76 15.93 -23.16
C CYS C 41 -20.65 17.43 -23.39
N GLU C 42 -21.60 18.03 -24.10
CA GLU C 42 -21.67 19.49 -24.20
C GLU C 42 -22.63 20.09 -23.18
N ALA C 43 -23.68 19.37 -22.80
CA ALA C 43 -24.59 19.86 -21.79
C ALA C 43 -23.93 19.93 -20.43
N HIS C 44 -23.10 18.95 -20.09
CA HIS C 44 -22.48 18.86 -18.78
C HIS C 44 -21.02 19.25 -18.78
N ALA C 45 -20.55 19.93 -19.82
CA ALA C 45 -19.13 20.21 -19.96
C ALA C 45 -18.62 21.20 -18.93
N LYS C 46 -19.51 21.98 -18.31
CA LYS C 46 -19.10 22.96 -17.32
C LYS C 46 -19.14 22.42 -15.91
N GLU C 47 -19.43 21.13 -15.74
CA GLU C 47 -19.57 20.53 -14.42
C GLU C 47 -18.53 19.46 -14.13
N ASP C 48 -17.56 19.25 -15.01
CA ASP C 48 -16.49 18.29 -14.73
C ASP C 48 -15.17 19.01 -14.43
N PRO C 49 -14.75 19.06 -13.17
CA PRO C 49 -13.49 19.75 -12.86
C PRO C 49 -12.27 19.18 -13.54
N LEU C 50 -12.25 17.87 -13.79
CA LEU C 50 -11.09 17.24 -14.42
C LEU C 50 -10.81 17.81 -15.80
N LEU C 51 -11.86 18.22 -16.50
CA LEU C 51 -11.68 18.73 -17.86
C LEU C 51 -11.12 20.14 -17.84
N THR C 52 -11.84 21.06 -17.23
CA THR C 52 -11.38 22.43 -17.02
C THR C 52 -11.04 22.60 -15.55
N PRO C 53 -9.77 22.80 -15.20
CA PRO C 53 -9.40 22.84 -13.77
C PRO C 53 -10.16 23.92 -13.01
N VAL C 54 -10.59 23.56 -11.81
CA VAL C 54 -11.28 24.48 -10.90
C VAL C 54 -10.23 25.30 -10.16
N PRO C 55 -10.56 26.49 -9.67
CA PRO C 55 -9.55 27.30 -8.96
C PRO C 55 -9.12 26.64 -7.66
N ALA C 56 -7.98 27.12 -7.15
CA ALA C 56 -7.44 26.58 -5.91
C ALA C 56 -8.35 26.83 -4.72
N SER C 57 -9.29 27.75 -4.84
CA SER C 57 -10.25 28.03 -3.78
C SER C 57 -11.43 27.07 -3.79
N GLU C 58 -11.50 26.17 -4.76
CA GLU C 58 -12.58 25.19 -4.85
C GLU C 58 -12.11 23.75 -4.80
N ASN C 59 -10.81 23.49 -4.91
CA ASN C 59 -10.29 22.14 -4.76
C ASN C 59 -10.16 21.80 -3.28
N PRO C 60 -10.82 20.74 -2.79
CA PRO C 60 -10.51 20.25 -1.44
C PRO C 60 -9.14 19.62 -1.33
N PHE C 61 -8.43 19.44 -2.44
CA PHE C 61 -7.10 18.89 -2.44
C PHE C 61 -6.07 19.96 -2.81
N CYS D 24 58.04 23.25 -10.96
CA CYS D 24 56.93 22.41 -10.56
C CYS D 24 55.61 22.98 -11.04
N TYR D 25 55.68 24.06 -11.81
CA TYR D 25 54.46 24.72 -12.26
C TYR D 25 53.67 23.88 -13.26
N LYS D 26 54.33 22.96 -13.95
CA LYS D 26 53.61 22.08 -14.88
C LYS D 26 52.76 21.08 -14.12
N GLN D 27 53.32 20.43 -13.09
CA GLN D 27 52.58 19.39 -12.37
C GLN D 27 51.39 19.97 -11.62
N THR D 28 51.60 21.11 -10.93
CA THR D 28 50.54 21.68 -10.12
C THR D 28 49.35 22.10 -10.98
N LEU D 29 49.61 22.72 -12.13
CA LEU D 29 48.53 23.16 -12.99
C LEU D 29 47.89 22.00 -13.74
N SER D 30 48.67 20.97 -14.08
CA SER D 30 48.13 19.85 -14.83
C SER D 30 47.11 19.08 -14.00
N LEU D 31 47.47 18.73 -12.76
CA LEU D 31 46.58 17.92 -11.93
C LEU D 31 45.40 18.73 -11.41
N THR D 32 45.63 19.99 -11.03
CA THR D 32 44.56 20.80 -10.47
C THR D 32 43.45 21.02 -11.50
N VAL D 33 43.83 21.28 -12.75
CA VAL D 33 42.83 21.40 -13.81
C VAL D 33 42.09 20.08 -14.00
N LEU D 34 42.83 18.97 -14.03
CA LEU D 34 42.20 17.67 -14.24
C LEU D 34 41.26 17.32 -13.09
N THR D 35 41.66 17.66 -11.85
CA THR D 35 40.82 17.37 -10.71
C THR D 35 39.46 18.05 -10.83
N CYS D 36 39.44 19.28 -11.33
CA CYS D 36 38.17 19.98 -11.51
C CYS D 36 37.29 19.26 -12.52
N ILE D 37 37.87 18.77 -13.62
CA ILE D 37 37.09 18.05 -14.61
C ILE D 37 36.59 16.73 -14.03
N VAL D 38 37.43 16.04 -13.26
CA VAL D 38 36.98 14.84 -12.55
C VAL D 38 35.88 15.21 -11.56
N SER D 39 36.02 16.35 -10.89
CA SER D 39 34.99 16.79 -9.95
C SER D 39 33.67 17.04 -10.67
N LEU D 40 33.73 17.74 -11.81
CA LEU D 40 32.50 18.09 -12.51
C LEU D 40 31.78 16.86 -13.03
N VAL D 41 32.53 15.88 -13.56
CA VAL D 41 31.91 14.70 -14.11
C VAL D 41 31.31 13.84 -13.00
N GLY D 42 31.78 14.01 -11.78
CA GLY D 42 31.27 13.24 -10.67
C GLY D 42 30.27 14.00 -9.81
N LEU D 43 30.47 15.31 -9.71
CA LEU D 43 29.54 16.11 -8.92
C LEU D 43 28.15 16.06 -9.53
N THR D 44 28.06 16.08 -10.86
CA THR D 44 26.78 15.85 -11.52
C THR D 44 26.40 14.38 -11.52
N GLY D 45 27.38 13.48 -11.44
CA GLY D 45 27.07 12.06 -11.36
C GLY D 45 26.47 11.65 -10.04
N ASN D 46 26.64 12.46 -9.00
CA ASN D 46 26.04 12.19 -7.70
C ASN D 46 24.73 12.94 -7.50
N ALA D 47 24.52 14.04 -8.22
CA ALA D 47 23.22 14.71 -8.15
C ALA D 47 22.13 13.85 -8.76
N VAL D 48 22.44 13.16 -9.85
CA VAL D 48 21.46 12.26 -10.47
C VAL D 48 21.15 11.10 -9.54
N VAL D 49 22.14 10.60 -8.82
CA VAL D 49 21.90 9.54 -7.84
C VAL D 49 21.05 10.06 -6.69
N LEU D 50 21.36 11.26 -6.21
CA LEU D 50 20.54 11.87 -5.17
C LEU D 50 19.13 12.12 -5.65
N TRP D 51 18.98 12.50 -6.93
CA TRP D 51 17.66 12.72 -7.49
C TRP D 51 16.91 11.40 -7.66
N LEU D 52 17.56 10.39 -8.22
CA LEU D 52 16.89 9.12 -8.47
C LEU D 52 16.53 8.42 -7.16
N LEU D 53 17.48 8.34 -6.22
CA LEU D 53 17.23 7.62 -4.99
C LEU D 53 16.33 8.40 -4.03
N GLY D 54 16.36 9.73 -4.09
CA GLY D 54 15.46 10.51 -3.26
C GLY D 54 14.01 10.34 -3.65
N CYS D 55 13.74 10.22 -4.94
CA CYS D 55 12.37 10.07 -5.42
C CYS D 55 11.80 8.68 -5.18
N ARG D 56 12.65 7.65 -5.19
CA ARG D 56 12.17 6.29 -5.03
C ARG D 56 11.60 6.07 -3.64
N MET D 57 10.62 5.17 -3.56
CA MET D 57 9.93 4.87 -2.31
C MET D 57 10.23 3.49 -1.75
N ARG D 58 10.72 2.55 -2.58
CA ARG D 58 11.05 1.23 -2.07
C ARG D 58 12.17 1.31 -1.05
N ARG D 59 13.29 1.93 -1.42
CA ARG D 59 14.36 2.31 -0.50
C ARG D 59 14.84 1.11 0.33
N ASN D 60 15.45 0.16 -0.36
CA ASN D 60 15.98 -1.02 0.32
C ASN D 60 17.22 -0.65 1.14
N ALA D 61 17.78 -1.65 1.81
CA ALA D 61 18.91 -1.42 2.70
C ALA D 61 20.12 -0.88 1.94
N PHE D 62 20.38 -1.44 0.76
CA PHE D 62 21.50 -0.98 -0.05
C PHE D 62 21.33 0.46 -0.50
N SER D 63 20.09 0.89 -0.74
CA SER D 63 19.85 2.21 -1.30
C SER D 63 20.04 3.33 -0.29
N ILE D 64 19.77 3.08 0.99
CA ILE D 64 20.00 4.11 2.00
C ILE D 64 21.49 4.41 2.13
N TYR D 65 22.32 3.37 2.07
CA TYR D 65 23.76 3.58 2.10
C TYR D 65 24.25 4.34 0.88
N ILE D 66 23.77 3.98 -0.30
CA ILE D 66 24.17 4.69 -1.51
C ILE D 66 23.69 6.12 -1.48
N LEU D 67 22.48 6.35 -0.97
CA LEU D 67 21.97 7.71 -0.83
C LEU D 67 22.86 8.53 0.08
N ASN D 68 23.27 7.96 1.22
CA ASN D 68 24.17 8.67 2.13
C ASN D 68 25.58 8.78 1.55
N LEU D 69 26.02 7.79 0.78
CA LEU D 69 27.34 7.87 0.16
C LEU D 69 27.37 8.96 -0.91
N ALA D 70 26.28 9.08 -1.68
CA ALA D 70 26.20 10.14 -2.69
C ALA D 70 26.19 11.51 -2.02
N ALA D 71 25.50 11.64 -0.89
CA ALA D 71 25.51 12.90 -0.15
C ALA D 71 26.91 13.24 0.34
N ALA D 72 27.64 12.24 0.85
CA ALA D 72 29.00 12.50 1.34
C ALA D 72 29.93 12.92 0.22
N ASP D 73 29.71 12.42 -0.99
CA ASP D 73 30.54 12.81 -2.12
C ASP D 73 30.21 14.23 -2.60
N PHE D 74 28.96 14.65 -2.45
CA PHE D 74 28.58 15.97 -2.92
C PHE D 74 29.33 17.07 -2.17
N LEU D 75 29.40 16.97 -0.84
CA LEU D 75 30.15 17.94 -0.07
C LEU D 75 31.65 17.85 -0.37
N PHE D 76 32.16 16.63 -0.52
CA PHE D 76 33.59 16.46 -0.76
C PHE D 76 34.00 17.06 -2.10
N LEU D 77 33.25 16.76 -3.16
CA LEU D 77 33.58 17.29 -4.47
C LEU D 77 33.34 18.79 -4.54
N SER D 78 32.29 19.28 -3.86
CA SER D 78 32.08 20.71 -3.78
C SER D 78 33.27 21.40 -3.11
N GLY D 79 33.77 20.81 -2.02
CA GLY D 79 34.94 21.36 -1.37
C GLY D 79 36.18 21.28 -2.23
N ARG D 80 36.37 20.13 -2.89
CA ARG D 80 37.56 19.96 -3.71
C ARG D 80 37.53 20.86 -4.94
N LEU D 81 36.35 21.02 -5.55
CA LEU D 81 36.24 21.90 -6.71
C LEU D 81 36.45 23.36 -6.33
N ILE D 82 35.83 23.79 -5.23
CA ILE D 82 36.01 25.17 -4.78
C ILE D 82 37.45 25.41 -4.38
N TYR D 83 38.08 24.45 -3.70
CA TYR D 83 39.46 24.62 -3.27
C TYR D 83 40.40 24.70 -4.47
N SER D 84 40.17 23.88 -5.49
CA SER D 84 41.06 23.86 -6.64
C SER D 84 40.93 25.14 -7.47
N LEU D 85 39.72 25.68 -7.57
CA LEU D 85 39.53 26.92 -8.33
C LEU D 85 40.26 28.08 -7.68
N LEU D 86 40.23 28.17 -6.35
CA LEU D 86 40.88 29.26 -5.64
C LEU D 86 42.40 29.18 -5.76
N SER D 87 42.95 28.03 -6.14
CA SER D 87 44.37 27.97 -6.44
C SER D 87 44.74 28.79 -7.67
N PHE D 88 43.78 29.05 -8.56
CA PHE D 88 44.00 29.90 -9.73
C PHE D 88 43.44 31.30 -9.53
N ILE D 89 42.13 31.40 -9.30
CA ILE D 89 41.48 32.67 -9.06
C ILE D 89 41.83 33.16 -7.67
N SER D 90 41.46 34.39 -7.36
CA SER D 90 41.71 34.97 -6.05
C SER D 90 40.43 35.00 -5.22
N ILE D 91 40.60 34.91 -3.90
CA ILE D 91 39.49 35.04 -2.95
C ILE D 91 40.08 35.23 -1.56
N PRO D 92 39.25 35.43 -0.53
CA PRO D 92 39.80 35.57 0.82
C PRO D 92 40.52 34.30 1.27
N HIS D 93 41.61 34.48 2.01
CA HIS D 93 42.35 33.33 2.52
C HIS D 93 41.62 32.67 3.69
N THR D 94 40.84 33.44 4.45
CA THR D 94 40.05 32.89 5.54
C THR D 94 38.93 31.98 5.06
N ILE D 95 38.64 31.97 3.77
CA ILE D 95 37.59 31.08 3.25
C ILE D 95 37.99 29.62 3.43
N SER D 96 39.30 29.34 3.30
CA SER D 96 39.78 27.97 3.50
C SER D 96 39.55 27.48 4.92
N LYS D 97 39.37 28.38 5.88
CA LYS D 97 39.12 27.96 7.25
C LYS D 97 37.76 27.29 7.38
N ILE D 98 36.80 27.66 6.53
CA ILE D 98 35.48 27.05 6.54
C ILE D 98 35.31 26.03 5.43
N LEU D 99 36.34 25.81 4.62
CA LEU D 99 36.28 24.87 3.50
C LEU D 99 36.99 23.56 3.80
N TYR D 100 38.10 23.60 4.54
CA TYR D 100 38.80 22.36 4.86
C TYR D 100 38.00 21.48 5.82
N PRO D 101 37.56 21.95 7.00
CA PRO D 101 36.86 21.03 7.90
C PRO D 101 35.42 20.81 7.52
N VAL D 102 35.19 20.70 6.20
CA VAL D 102 33.91 20.28 5.65
C VAL D 102 34.23 19.15 4.69
N MET D 103 35.28 19.35 3.88
CA MET D 103 35.80 18.28 3.04
C MET D 103 36.13 17.04 3.86
N MET D 104 36.93 17.22 4.91
CA MET D 104 37.40 16.08 5.66
C MET D 104 36.34 15.51 6.59
N PHE D 105 35.29 16.26 6.88
CA PHE D 105 34.12 15.69 7.52
C PHE D 105 33.32 14.85 6.54
N SER D 106 33.42 15.16 5.25
CA SER D 106 32.71 14.43 4.21
C SER D 106 33.55 13.33 3.59
N TYR D 107 34.87 13.50 3.58
CA TYR D 107 35.74 12.43 3.10
C TYR D 107 35.63 11.21 4.00
N PHE D 108 35.58 11.41 5.31
CA PHE D 108 35.56 10.28 6.23
C PHE D 108 34.20 9.62 6.28
N ALA D 109 33.13 10.40 6.14
CA ALA D 109 31.80 9.81 6.13
C ALA D 109 31.63 8.88 4.94
N GLY D 110 32.14 9.27 3.77
CA GLY D 110 32.03 8.41 2.61
C GLY D 110 32.81 7.12 2.76
N LEU D 111 33.97 7.18 3.42
CA LEU D 111 34.78 5.99 3.59
C LEU D 111 34.15 5.01 4.56
N SER D 112 33.40 5.50 5.54
CA SER D 112 32.70 4.60 6.45
C SER D 112 31.46 3.99 5.81
N PHE D 113 30.78 4.73 4.93
CA PHE D 113 29.62 4.19 4.24
C PHE D 113 30.01 3.06 3.31
N LEU D 114 31.24 3.06 2.82
CA LEU D 114 31.70 1.95 1.99
C LEU D 114 32.00 0.72 2.83
N SER D 115 32.60 0.90 4.00
CA SER D 115 32.80 -0.22 4.91
C SER D 115 31.48 -0.77 5.43
N ALA D 116 30.43 0.07 5.46
CA ALA D 116 29.13 -0.41 5.89
C ALA D 116 28.42 -1.20 4.80
N VAL D 117 28.62 -0.82 3.54
CA VAL D 117 28.00 -1.56 2.44
C VAL D 117 28.56 -2.98 2.37
N SER D 118 29.88 -3.12 2.46
CA SER D 118 30.49 -4.44 2.33
C SER D 118 30.22 -5.30 3.56
N THR D 119 30.01 -4.69 4.71
CA THR D 119 29.64 -5.47 5.89
C THR D 119 28.27 -6.09 5.73
N GLU D 120 27.29 -5.31 5.26
CA GLU D 120 25.96 -5.86 5.08
C GLU D 120 25.83 -6.67 3.81
N ARG D 121 26.73 -6.46 2.85
CA ARG D 121 26.81 -7.35 1.70
C ARG D 121 27.25 -8.74 2.13
N CYS D 122 28.19 -8.81 3.08
CA CYS D 122 28.62 -10.09 3.61
C CYS D 122 27.51 -10.78 4.40
N LEU D 123 26.78 -10.02 5.22
CA LEU D 123 25.70 -10.61 6.01
C LEU D 123 24.55 -11.11 5.15
N SER D 124 24.40 -10.59 3.93
CA SER D 124 23.38 -11.12 3.03
C SER D 124 23.72 -12.52 2.57
N VAL D 125 25.00 -12.87 2.50
CA VAL D 125 25.43 -14.17 2.03
C VAL D 125 25.58 -15.15 3.17
N LEU D 126 26.11 -14.70 4.32
CA LEU D 126 26.29 -15.60 5.44
C LEU D 126 24.95 -16.04 6.02
N TRP D 127 24.05 -15.09 6.24
CA TRP D 127 22.75 -15.34 6.85
C TRP D 127 21.68 -14.69 6.00
N PRO D 128 21.24 -15.36 4.93
CA PRO D 128 20.29 -14.71 4.02
C PRO D 128 18.89 -14.63 4.58
N ILE D 129 18.46 -15.65 5.33
CA ILE D 129 17.11 -15.63 5.90
C ILE D 129 17.01 -14.58 6.98
N TRP D 130 18.04 -14.44 7.80
CA TRP D 130 18.04 -13.39 8.82
C TRP D 130 17.98 -12.01 8.17
N TYR D 131 18.75 -11.80 7.10
CA TYR D 131 18.80 -10.50 6.46
C TYR D 131 17.45 -10.10 5.89
N ARG D 132 16.76 -11.04 5.25
CA ARG D 132 15.50 -10.74 4.59
C ARG D 132 14.29 -10.86 5.52
N CYS D 133 14.43 -11.48 6.68
CA CYS D 133 13.27 -11.73 7.53
C CYS D 133 13.40 -11.14 8.93
N HIS D 134 14.62 -11.08 9.47
CA HIS D 134 14.82 -10.69 10.86
C HIS D 134 15.66 -9.45 11.06
N ARG D 135 16.21 -8.87 10.01
CA ARG D 135 16.99 -7.64 10.15
C ARG D 135 16.06 -6.46 10.33
N PRO D 136 16.24 -5.63 11.36
CA PRO D 136 15.34 -4.50 11.57
C PRO D 136 15.34 -3.54 10.39
N THR D 137 14.17 -2.97 10.11
CA THR D 137 13.98 -2.22 8.88
C THR D 137 14.78 -0.92 8.87
N HIS D 138 14.97 -0.30 10.04
CA HIS D 138 15.66 0.97 10.13
C HIS D 138 17.08 0.82 10.64
N LEU D 139 17.69 -0.35 10.47
CA LEU D 139 19.09 -0.52 10.83
C LEU D 139 19.97 0.37 9.97
N SER D 140 19.69 0.44 8.67
CA SER D 140 20.51 1.24 7.76
C SER D 140 20.42 2.73 8.10
N ALA D 141 19.22 3.21 8.42
CA ALA D 141 19.07 4.62 8.79
C ALA D 141 19.84 4.93 10.06
N VAL D 142 19.74 4.07 11.07
CA VAL D 142 20.42 4.33 12.34
C VAL D 142 21.93 4.25 12.16
N VAL D 143 22.42 3.27 11.40
CA VAL D 143 23.86 3.14 11.24
C VAL D 143 24.42 4.32 10.47
N CYS D 144 23.68 4.84 9.51
CA CYS D 144 24.17 5.96 8.72
C CYS D 144 24.27 7.24 9.55
N VAL D 145 23.27 7.51 10.40
CA VAL D 145 23.36 8.70 11.24
C VAL D 145 24.44 8.54 12.30
N LEU D 146 24.68 7.31 12.76
CA LEU D 146 25.81 7.09 13.67
C LEU D 146 27.12 7.41 12.99
N LEU D 147 27.30 6.96 11.74
CA LEU D 147 28.54 7.24 11.03
C LEU D 147 28.69 8.73 10.73
N TRP D 148 27.57 9.43 10.53
CA TRP D 148 27.63 10.89 10.42
C TRP D 148 28.08 11.52 11.73
N ALA D 149 27.57 11.01 12.85
CA ALA D 149 27.96 11.54 14.15
C ALA D 149 29.43 11.24 14.46
N LEU D 150 29.90 10.05 14.09
CA LEU D 150 31.30 9.71 14.34
C LEU D 150 32.25 10.61 13.56
N SER D 151 31.91 10.92 12.31
CA SER D 151 32.76 11.80 11.52
C SER D 151 32.80 13.20 12.11
N LEU D 152 31.66 13.68 12.62
CA LEU D 152 31.63 14.97 13.29
C LEU D 152 32.45 14.95 14.57
N LEU D 153 32.34 13.88 15.34
CA LEU D 153 33.08 13.78 16.59
C LEU D 153 34.58 13.80 16.35
N ARG D 154 35.03 13.17 15.27
CA ARG D 154 36.44 13.23 14.89
C ARG D 154 36.85 14.64 14.53
N SER D 155 35.97 15.37 13.83
CA SER D 155 36.32 16.71 13.35
C SER D 155 36.37 17.71 14.49
N ILE D 156 35.43 17.63 15.42
CA ILE D 156 35.46 18.54 16.56
C ILE D 156 36.66 18.24 17.44
N LEU D 157 37.01 16.96 17.61
CA LEU D 157 38.18 16.63 18.39
C LEU D 157 39.45 17.18 17.75
N GLU D 158 39.54 17.11 16.42
CA GLU D 158 40.69 17.67 15.73
C GLU D 158 40.76 19.18 15.89
N TRP D 159 39.62 19.87 15.72
CA TRP D 159 39.61 21.32 15.85
C TRP D 159 39.94 21.77 17.26
N MET D 160 39.66 20.94 18.26
CA MET D 160 40.02 21.27 19.63
C MET D 160 41.50 20.99 19.90
N LEU D 161 41.91 19.73 19.80
CA LEU D 161 43.25 19.34 20.19
C LEU D 161 44.32 19.83 19.24
N CYS D 162 43.94 20.38 18.08
CA CYS D 162 44.90 20.78 17.05
C CYS D 162 44.34 22.03 16.39
N GLY D 163 44.75 23.18 16.89
CA GLY D 163 44.21 24.43 16.40
C GLY D 163 44.23 25.56 17.41
N PHE D 164 43.08 26.18 17.63
CA PHE D 164 43.01 27.39 18.45
C PHE D 164 42.83 27.11 19.93
N LEU D 165 42.18 26.01 20.29
CA LEU D 165 41.86 25.75 21.68
C LEU D 165 42.97 25.04 22.45
N PHE D 166 44.02 24.59 21.77
CA PHE D 166 45.23 24.05 22.39
C PHE D 166 46.46 24.63 21.71
N SER D 167 46.37 25.89 21.27
CA SER D 167 47.45 26.47 20.47
C SER D 167 48.75 26.58 21.27
N GLY D 168 48.66 27.02 22.53
CA GLY D 168 49.86 27.27 23.30
C GLY D 168 50.24 26.17 24.27
N ALA D 169 49.39 25.15 24.40
CA ALA D 169 49.65 24.07 25.34
C ALA D 169 50.92 23.30 24.97
N ASP D 170 50.89 22.62 23.83
CA ASP D 170 51.99 21.80 23.34
C ASP D 170 51.58 21.24 21.98
N SER D 171 52.57 20.76 21.24
CA SER D 171 52.34 20.15 19.93
C SER D 171 52.02 18.67 20.03
N ALA D 172 51.96 18.11 21.23
CA ALA D 172 51.64 16.72 21.43
C ALA D 172 50.14 16.47 21.57
N TRP D 173 49.31 17.49 21.42
CA TRP D 173 47.87 17.29 21.42
C TRP D 173 47.30 17.14 20.02
N CYS D 174 47.96 17.72 19.02
CA CYS D 174 47.58 17.44 17.64
C CYS D 174 48.08 16.09 17.18
N GLN D 175 49.17 15.60 17.77
CA GLN D 175 49.74 14.35 17.34
C GLN D 175 48.82 13.17 17.62
N THR D 176 48.16 13.17 18.78
CA THR D 176 47.25 12.08 19.10
C THR D 176 45.98 12.16 18.25
N SER D 177 45.50 13.37 17.96
CA SER D 177 44.36 13.51 17.07
C SER D 177 44.65 13.01 15.66
N ASP D 178 45.91 12.98 15.26
CA ASP D 178 46.28 12.40 13.98
C ASP D 178 46.55 10.91 14.08
N PHE D 179 46.94 10.43 15.26
CA PHE D 179 47.14 9.01 15.46
C PHE D 179 45.83 8.25 15.50
N ILE D 180 44.80 8.86 16.11
CA ILE D 180 43.47 8.25 16.10
C ILE D 180 42.94 8.17 14.67
N THR D 181 43.13 9.25 13.91
CA THR D 181 42.60 9.29 12.55
C THR D 181 43.23 8.21 11.66
N VAL D 182 44.53 7.99 11.81
CA VAL D 182 45.18 6.91 11.06
C VAL D 182 44.72 5.55 11.58
N ALA D 183 44.54 5.42 12.89
CA ALA D 183 44.00 4.19 13.44
C ALA D 183 42.53 3.99 13.08
N TRP D 184 41.81 5.07 12.79
CA TRP D 184 40.43 4.97 12.34
C TRP D 184 40.35 4.56 10.88
N LEU D 185 41.30 5.02 10.06
CA LEU D 185 41.28 4.68 8.64
C LEU D 185 41.69 3.23 8.41
N ILE D 186 42.62 2.72 9.21
CA ILE D 186 43.03 1.33 9.09
C ILE D 186 41.87 0.40 9.44
N PHE D 187 41.11 0.74 10.47
CA PHE D 187 39.96 -0.06 10.85
C PHE D 187 38.96 -0.15 9.71
N LEU D 188 38.70 0.96 9.03
CA LEU D 188 37.75 0.95 7.92
C LEU D 188 38.26 0.12 6.75
N CYS D 189 39.58 -0.03 6.62
CA CYS D 189 40.12 -0.92 5.61
C CYS D 189 39.98 -2.38 6.02
N VAL D 190 40.14 -2.67 7.30
CA VAL D 190 40.00 -4.05 7.78
C VAL D 190 38.55 -4.50 7.70
N VAL D 191 37.62 -3.61 8.03
CA VAL D 191 36.20 -3.96 7.95
C VAL D 191 35.79 -4.13 6.49
N LEU D 192 36.31 -3.29 5.60
CA LEU D 192 35.99 -3.44 4.18
C LEU D 192 36.60 -4.71 3.60
N CYS D 193 37.90 -4.92 3.82
CA CYS D 193 38.59 -6.05 3.22
C CYS D 193 38.24 -7.35 3.93
N GLY D 194 38.04 -7.31 5.24
CA GLY D 194 37.63 -8.50 5.95
C GLY D 194 36.25 -8.99 5.53
N SER D 195 35.31 -8.05 5.38
CA SER D 195 33.97 -8.42 4.95
C SER D 195 33.97 -8.96 3.52
N SER D 196 34.75 -8.34 2.64
CA SER D 196 34.79 -8.76 1.25
C SER D 196 35.50 -10.10 1.08
N LEU D 197 36.45 -10.41 1.97
CA LEU D 197 37.16 -11.68 1.89
C LEU D 197 36.30 -12.82 2.40
N VAL D 198 35.51 -12.58 3.45
CA VAL D 198 34.65 -13.62 4.00
C VAL D 198 33.56 -14.00 3.01
N LEU D 199 33.03 -13.02 2.28
CA LEU D 199 32.02 -13.31 1.26
C LEU D 199 32.56 -14.28 0.22
N LEU D 200 33.79 -14.07 -0.23
CA LEU D 200 34.38 -14.95 -1.24
C LEU D 200 34.54 -16.37 -0.73
N ILE D 201 34.82 -16.52 0.57
CA ILE D 201 34.99 -17.85 1.13
C ILE D 201 33.65 -18.57 1.21
N ARG D 202 32.60 -17.87 1.62
CA ARG D 202 31.29 -18.50 1.72
C ARG D 202 30.77 -18.93 0.35
N ILE D 203 30.99 -18.11 -0.67
CA ILE D 203 30.52 -18.47 -2.01
C ILE D 203 31.33 -19.62 -2.58
N LEU D 204 32.66 -19.59 -2.41
CA LEU D 204 33.50 -20.66 -2.91
C LEU D 204 33.22 -21.97 -2.20
N CYS D 205 33.10 -21.94 -0.88
CA CYS D 205 32.76 -23.14 -0.12
C CYS D 205 31.27 -23.43 -0.20
N LEU D 212 28.94 -16.43 -11.35
CA LEU D 212 29.91 -16.16 -10.29
C LEU D 212 31.06 -15.31 -10.82
N THR D 213 30.98 -14.94 -12.09
CA THR D 213 31.97 -14.03 -12.65
C THR D 213 31.78 -12.61 -12.12
N ARG D 214 30.54 -12.14 -12.08
CA ARG D 214 30.28 -10.79 -11.58
C ARG D 214 30.59 -10.68 -10.09
N LEU D 215 30.39 -11.75 -9.34
CA LEU D 215 30.64 -11.69 -7.90
C LEU D 215 32.12 -11.46 -7.61
N TYR D 216 33.00 -12.10 -8.38
CA TYR D 216 34.43 -11.86 -8.19
C TYR D 216 34.84 -10.51 -8.76
N VAL D 217 34.33 -10.15 -9.93
CA VAL D 217 34.75 -8.91 -10.56
C VAL D 217 34.27 -7.71 -9.75
N THR D 218 33.02 -7.74 -9.28
CA THR D 218 32.49 -6.59 -8.54
C THR D 218 33.13 -6.47 -7.17
N ILE D 219 33.38 -7.59 -6.50
CA ILE D 219 33.99 -7.53 -5.18
C ILE D 219 35.41 -7.01 -5.27
N LEU D 220 36.20 -7.55 -6.20
CA LEU D 220 37.59 -7.12 -6.32
C LEU D 220 37.70 -5.73 -6.93
N LEU D 221 36.68 -5.28 -7.65
CA LEU D 221 36.71 -3.92 -8.17
C LEU D 221 36.44 -2.90 -7.06
N THR D 222 35.46 -3.19 -6.19
CA THR D 222 35.14 -2.24 -5.12
C THR D 222 36.25 -2.15 -4.09
N VAL D 223 36.97 -3.23 -3.86
CA VAL D 223 38.09 -3.19 -2.92
C VAL D 223 39.25 -2.39 -3.49
N LEU D 224 39.53 -2.56 -4.78
CA LEU D 224 40.67 -1.87 -5.38
C LEU D 224 40.41 -0.38 -5.54
N VAL D 225 39.20 0.01 -5.92
CA VAL D 225 38.88 1.42 -6.01
C VAL D 225 38.90 2.09 -4.64
N PHE D 226 38.78 1.31 -3.56
CA PHE D 226 38.90 1.85 -2.21
C PHE D 226 40.34 1.86 -1.72
N LEU D 227 41.06 0.75 -1.90
CA LEU D 227 42.42 0.66 -1.37
C LEU D 227 43.35 1.66 -2.03
N LEU D 228 43.23 1.83 -3.35
CA LEU D 228 44.22 2.61 -4.08
C LEU D 228 43.62 3.80 -4.83
N CYS D 229 42.40 4.21 -4.49
CA CYS D 229 41.89 5.46 -5.04
C CYS D 229 41.27 6.34 -3.97
N GLY D 230 40.77 5.73 -2.89
CA GLY D 230 40.11 6.49 -1.85
C GLY D 230 40.87 6.58 -0.55
N LEU D 231 41.53 5.51 -0.19
CA LEU D 231 42.28 5.42 1.06
C LEU D 231 43.63 6.12 1.03
N PRO D 232 44.37 6.11 -0.10
CA PRO D 232 45.68 6.78 -0.10
C PRO D 232 45.68 8.18 0.49
N PHE D 233 44.81 9.06 0.03
CA PHE D 233 44.65 10.35 0.67
C PHE D 233 44.07 10.15 2.06
N GLY D 234 44.49 10.96 2.99
CA GLY D 234 44.11 10.75 4.37
C GLY D 234 45.14 9.94 5.11
N ILE D 235 45.50 8.78 4.59
CA ILE D 235 46.57 8.01 5.20
C ILE D 235 47.88 8.76 5.08
N GLN D 236 48.19 9.27 3.89
CA GLN D 236 49.41 10.03 3.71
C GLN D 236 49.32 11.41 4.37
N PHE D 237 48.15 12.03 4.34
CA PHE D 237 47.99 13.35 4.92
C PHE D 237 48.26 13.34 6.42
N PHE D 238 47.74 12.33 7.12
CA PHE D 238 47.87 12.30 8.57
C PHE D 238 49.09 11.54 9.05
N LEU D 239 49.66 10.66 8.22
CA LEU D 239 50.96 10.09 8.55
C LEU D 239 52.06 11.12 8.34
N PHE D 240 52.16 11.66 7.12
CA PHE D 240 53.24 12.59 6.79
C PHE D 240 53.11 13.92 7.50
N LEU D 241 51.98 14.20 8.13
CA LEU D 241 51.85 15.40 8.95
C LEU D 241 52.65 15.29 10.25
N TRP D 242 53.16 14.11 10.56
CA TRP D 242 54.00 13.89 11.73
C TRP D 242 55.24 13.06 11.42
N ILE D 243 55.52 12.81 10.15
CA ILE D 243 56.76 12.18 9.70
C ILE D 243 57.35 13.06 8.61
N HIS D 244 58.62 13.41 8.75
CA HIS D 244 59.25 14.33 7.81
C HIS D 244 59.76 13.60 6.58
N VAL D 245 59.56 14.20 5.41
CA VAL D 245 59.99 13.65 4.13
C VAL D 245 60.39 14.80 3.22
N ASP D 246 60.92 14.46 2.05
CA ASP D 246 61.32 15.49 1.09
C ASP D 246 60.10 16.25 0.60
N ARG D 247 60.22 17.58 0.56
CA ARG D 247 59.08 18.41 0.17
C ARG D 247 58.68 18.18 -1.28
N GLU D 248 59.67 18.07 -2.19
CA GLU D 248 59.35 17.93 -3.61
C GLU D 248 58.63 16.63 -3.90
N VAL D 249 59.07 15.53 -3.28
CA VAL D 249 58.42 14.24 -3.52
C VAL D 249 57.03 14.23 -2.88
N LEU D 250 56.92 14.74 -1.66
CA LEU D 250 55.68 14.61 -0.91
C LEU D 250 54.58 15.51 -1.47
N PHE D 251 54.93 16.69 -1.96
CA PHE D 251 53.90 17.61 -2.45
C PHE D 251 53.49 17.29 -3.89
N CYS D 252 54.43 17.40 -4.82
CA CYS D 252 54.08 17.35 -6.23
C CYS D 252 53.77 15.94 -6.71
N HIS D 253 54.00 14.92 -5.89
CA HIS D 253 53.86 13.55 -6.35
C HIS D 253 53.06 12.65 -5.42
N VAL D 254 52.75 13.08 -4.20
CA VAL D 254 51.95 12.31 -3.27
C VAL D 254 50.69 13.06 -2.84
N HIS D 255 50.84 14.34 -2.50
CA HIS D 255 49.68 15.10 -2.05
C HIS D 255 48.75 15.45 -3.20
N LEU D 256 49.31 15.86 -4.34
CA LEU D 256 48.48 16.26 -5.46
C LEU D 256 47.90 15.05 -6.18
N VAL D 257 48.65 13.96 -6.23
CA VAL D 257 48.13 12.73 -6.82
C VAL D 257 47.02 12.15 -5.95
N SER D 258 47.16 12.24 -4.64
CA SER D 258 46.12 11.76 -3.74
C SER D 258 44.85 12.61 -3.87
N ILE D 259 45.01 13.92 -4.06
CA ILE D 259 43.84 14.77 -4.25
C ILE D 259 43.08 14.34 -5.50
N PHE D 260 43.80 14.08 -6.59
CA PHE D 260 43.15 13.67 -7.84
C PHE D 260 42.51 12.30 -7.69
N LEU D 261 43.18 11.38 -7.00
CA LEU D 261 42.63 10.03 -6.84
C LEU D 261 41.36 10.05 -5.99
N SER D 262 41.31 10.92 -4.99
CA SER D 262 40.12 10.99 -4.13
C SER D 262 38.89 11.40 -4.93
N ALA D 263 39.03 12.41 -5.78
CA ALA D 263 37.90 12.82 -6.60
C ALA D 263 37.54 11.75 -7.63
N LEU D 264 38.51 10.91 -8.00
CA LEU D 264 38.22 9.81 -8.91
C LEU D 264 37.38 8.74 -8.22
N ASN D 265 37.70 8.43 -6.96
CA ASN D 265 36.91 7.46 -6.21
C ASN D 265 35.48 7.93 -6.01
N SER D 266 35.32 9.15 -5.52
CA SER D 266 33.99 9.66 -5.24
C SER D 266 33.16 9.82 -6.49
N SER D 267 33.78 10.17 -7.62
CA SER D 267 33.08 10.19 -8.89
C SER D 267 32.74 8.79 -9.37
N ALA D 268 33.62 7.83 -9.12
CA ALA D 268 33.38 6.47 -9.59
C ALA D 268 32.33 5.74 -8.78
N ASN D 269 32.03 6.21 -7.57
CA ASN D 269 31.09 5.50 -6.71
C ASN D 269 29.68 5.46 -7.27
N PRO D 270 29.10 6.55 -7.79
CA PRO D 270 27.77 6.42 -8.42
C PRO D 270 27.75 5.47 -9.60
N ILE D 271 28.88 5.24 -10.25
CA ILE D 271 28.93 4.26 -11.33
C ILE D 271 29.02 2.85 -10.77
N ILE D 272 30.04 2.59 -9.95
CA ILE D 272 30.34 1.25 -9.48
C ILE D 272 29.21 0.67 -8.66
N TYR D 273 28.43 1.52 -7.98
CA TYR D 273 27.44 1.04 -7.03
C TYR D 273 26.00 1.17 -7.51
N PHE D 274 25.68 2.18 -8.32
CA PHE D 274 24.30 2.40 -8.74
C PHE D 274 24.07 2.11 -10.23
N PHE D 275 24.88 2.67 -11.12
CA PHE D 275 24.61 2.59 -12.54
C PHE D 275 25.04 1.27 -13.17
N VAL D 276 25.96 0.53 -12.56
CA VAL D 276 26.26 -0.82 -13.05
C VAL D 276 25.02 -1.69 -12.93
N GLY D 277 24.31 -1.60 -11.81
CA GLY D 277 23.07 -2.33 -11.65
C GLY D 277 21.86 -1.71 -12.31
N SER D 278 21.97 -0.46 -12.76
CA SER D 278 20.87 0.19 -13.46
C SER D 278 20.87 -0.07 -14.96
N PHE D 279 21.91 -0.72 -15.47
CA PHE D 279 21.99 -1.03 -16.90
C PHE D 279 22.99 -2.16 -17.14
N VAL E 2 -23.81 -2.46 25.75
CA VAL E 2 -22.88 -1.37 26.06
C VAL E 2 -23.23 -0.80 27.42
N GLN E 3 -22.26 -0.82 28.33
CA GLN E 3 -22.49 -0.38 29.69
C GLN E 3 -21.24 0.31 30.22
N LEU E 4 -21.45 1.23 31.16
CA LEU E 4 -20.38 1.96 31.82
C LEU E 4 -20.81 2.15 33.28
N VAL E 5 -20.40 1.20 34.13
CA VAL E 5 -20.80 1.17 35.53
C VAL E 5 -19.65 1.70 36.37
N GLU E 6 -19.95 2.61 37.28
CA GLU E 6 -18.94 3.31 38.05
C GLU E 6 -18.95 2.89 39.50
N SER E 7 -17.82 3.12 40.16
CA SER E 7 -17.63 2.77 41.56
C SER E 7 -16.87 3.90 42.26
N GLY E 8 -16.81 3.80 43.58
CA GLY E 8 -16.21 4.85 44.39
C GLY E 8 -17.27 5.67 45.10
N GLY E 9 -17.01 6.94 45.32
CA GLY E 9 -18.00 7.81 45.92
C GLY E 9 -18.02 7.71 47.44
N GLY E 10 -19.05 8.31 48.01
CA GLY E 10 -19.21 8.38 49.45
C GLY E 10 -18.55 9.60 50.04
N LEU E 11 -18.85 9.84 51.31
CA LEU E 11 -18.34 11.01 52.01
C LEU E 11 -16.82 10.95 52.14
N VAL E 12 -16.18 12.07 51.91
CA VAL E 12 -14.73 12.20 52.08
C VAL E 12 -14.44 13.53 52.76
N GLN E 13 -13.49 13.52 53.69
CA GLN E 13 -13.12 14.74 54.38
C GLN E 13 -12.27 15.63 53.47
N PRO E 14 -12.34 16.94 53.65
CA PRO E 14 -11.52 17.84 52.82
C PRO E 14 -10.04 17.55 52.99
N GLY E 15 -9.30 17.75 51.90
CA GLY E 15 -7.89 17.43 51.88
C GLY E 15 -7.57 15.97 51.74
N GLY E 16 -8.57 15.13 51.50
CA GLY E 16 -8.38 13.69 51.41
C GLY E 16 -8.00 13.23 50.03
N SER E 17 -8.34 11.97 49.74
CA SER E 17 -8.05 11.37 48.46
C SER E 17 -9.05 10.27 48.17
N ARG E 18 -9.38 10.09 46.91
CA ARG E 18 -10.29 9.05 46.47
C ARG E 18 -9.91 8.63 45.06
N LYS E 19 -10.35 7.44 44.68
CA LYS E 19 -10.07 6.90 43.34
C LYS E 19 -11.40 6.41 42.78
N LEU E 20 -12.06 7.28 42.01
CA LEU E 20 -13.27 6.90 41.31
C LEU E 20 -12.94 6.00 40.13
N SER E 21 -13.75 4.98 39.91
CA SER E 21 -13.46 3.96 38.92
C SER E 21 -14.72 3.59 38.16
N CYS E 22 -14.58 3.38 36.85
CA CYS E 22 -15.68 2.97 35.99
C CYS E 22 -15.25 1.78 35.15
N SER E 23 -16.15 0.82 35.00
CA SER E 23 -15.87 -0.40 34.25
C SER E 23 -16.73 -0.44 33.00
N ALA E 24 -16.11 -0.86 31.90
CA ALA E 24 -16.77 -0.96 30.60
C ALA E 24 -17.01 -2.42 30.25
N SER E 25 -18.19 -2.71 29.71
CA SER E 25 -18.52 -4.07 29.29
C SER E 25 -19.56 -3.98 28.18
N GLY E 26 -19.14 -4.25 26.95
CA GLY E 26 -20.07 -4.28 25.85
C GLY E 26 -19.60 -3.58 24.60
N PHE E 27 -18.38 -3.07 24.61
CA PHE E 27 -17.85 -2.36 23.44
C PHE E 27 -16.33 -2.39 23.49
N ALA E 28 -15.72 -2.04 22.36
CA ALA E 28 -14.26 -2.04 22.26
C ALA E 28 -13.69 -0.87 23.03
N PHE E 29 -13.45 -1.08 24.34
CA PHE E 29 -13.07 0.03 25.21
C PHE E 29 -11.76 0.66 24.79
N SER E 30 -10.90 -0.08 24.10
CA SER E 30 -9.58 0.44 23.78
C SER E 30 -9.62 1.44 22.64
N SER E 31 -10.59 1.31 21.73
CA SER E 31 -10.70 2.20 20.59
C SER E 31 -11.54 3.43 20.90
N PHE E 32 -11.76 3.72 22.18
CA PHE E 32 -12.61 4.82 22.61
C PHE E 32 -11.82 5.74 23.52
N GLY E 33 -12.07 7.05 23.40
CA GLY E 33 -11.57 8.01 24.36
C GLY E 33 -12.61 8.25 25.43
N MET E 34 -12.15 8.39 26.67
CA MET E 34 -13.05 8.48 27.81
C MET E 34 -12.91 9.83 28.49
N HIS E 35 -14.06 10.47 28.75
CA HIS E 35 -14.13 11.75 29.42
C HIS E 35 -14.71 11.59 30.81
N TRP E 36 -14.46 12.58 31.66
CA TRP E 36 -15.08 12.68 32.98
C TRP E 36 -15.82 14.01 33.05
N VAL E 37 -17.12 13.93 33.30
CA VAL E 37 -17.97 15.12 33.40
C VAL E 37 -18.72 15.04 34.71
N ARG E 38 -18.65 16.10 35.50
CA ARG E 38 -19.31 16.15 36.79
C ARG E 38 -20.47 17.13 36.77
N GLN E 39 -21.33 17.01 37.77
CA GLN E 39 -22.55 17.81 37.87
C GLN E 39 -22.84 18.06 39.34
N ALA E 40 -22.72 19.31 39.77
CA ALA E 40 -23.00 19.69 41.14
C ALA E 40 -24.43 19.30 41.51
N PRO E 41 -24.76 19.28 42.82
CA PRO E 41 -26.10 18.82 43.22
C PRO E 41 -27.25 19.53 42.54
N GLU E 42 -27.14 20.83 42.28
CA GLU E 42 -28.20 21.56 41.61
C GLU E 42 -27.73 22.37 40.40
N LYS E 43 -26.44 22.44 40.14
CA LYS E 43 -25.90 23.22 39.03
C LYS E 43 -25.85 22.36 37.78
N GLY E 44 -25.13 22.82 36.76
CA GLY E 44 -25.10 22.18 35.46
C GLY E 44 -23.99 21.17 35.33
N LEU E 45 -23.60 20.93 34.08
CA LEU E 45 -22.58 19.95 33.76
C LEU E 45 -21.25 20.65 33.54
N GLU E 46 -20.19 20.08 34.11
CA GLU E 46 -18.85 20.65 34.01
C GLU E 46 -17.87 19.55 33.64
N TRP E 47 -16.97 19.83 32.71
CA TRP E 47 -16.05 18.86 32.18
C TRP E 47 -14.77 18.84 33.01
N VAL E 48 -14.28 17.63 33.31
CA VAL E 48 -13.19 17.43 34.27
C VAL E 48 -11.89 17.02 33.57
N ALA E 49 -11.89 15.87 32.89
CA ALA E 49 -10.66 15.33 32.32
C ALA E 49 -10.97 14.52 31.08
N TYR E 50 -9.90 14.17 30.35
CA TYR E 50 -10.01 13.39 29.12
C TYR E 50 -8.75 12.57 28.94
N ILE E 51 -8.90 11.28 28.66
CA ILE E 51 -7.79 10.40 28.31
C ILE E 51 -8.09 9.75 26.97
N SER E 52 -7.14 9.83 26.05
CA SER E 52 -7.34 9.33 24.69
C SER E 52 -7.09 7.83 24.62
N SER E 53 -7.44 7.25 23.48
CA SER E 53 -7.09 5.87 23.20
C SER E 53 -5.57 5.74 23.10
N GLY E 54 -5.03 4.72 23.75
CA GLY E 54 -3.60 4.62 23.91
C GLY E 54 -3.04 5.48 25.02
N SER E 55 -3.88 6.22 25.73
CA SER E 55 -3.51 7.07 26.85
C SER E 55 -2.48 8.13 26.47
N GLY E 56 -2.32 8.40 25.18
CA GLY E 56 -1.30 9.31 24.74
C GLY E 56 -1.65 10.77 24.80
N THR E 57 -2.86 11.13 25.19
CA THR E 57 -3.27 12.52 25.28
C THR E 57 -4.21 12.69 26.46
N ILE E 58 -3.83 13.56 27.40
CA ILE E 58 -4.61 13.82 28.60
C ILE E 58 -4.80 15.32 28.75
N TYR E 59 -6.05 15.75 28.93
CA TYR E 59 -6.39 17.13 29.22
C TYR E 59 -7.19 17.21 30.52
N TYR E 60 -7.05 18.35 31.19
CA TYR E 60 -7.76 18.63 32.43
C TYR E 60 -8.39 20.00 32.37
N ALA E 61 -9.43 20.18 33.16
CA ALA E 61 -9.94 21.52 33.45
C ALA E 61 -9.05 22.19 34.49
N ASP E 62 -9.02 23.52 34.44
CA ASP E 62 -8.14 24.27 35.34
C ASP E 62 -8.53 24.13 36.80
N THR E 63 -9.79 23.78 37.07
CA THR E 63 -10.21 23.60 38.46
C THR E 63 -9.52 22.39 39.09
N VAL E 64 -9.34 21.33 38.32
CA VAL E 64 -8.80 20.06 38.82
C VAL E 64 -7.38 19.81 38.37
N LYS E 65 -6.76 20.75 37.65
CA LYS E 65 -5.42 20.52 37.14
C LYS E 65 -4.40 20.52 38.27
N GLY E 66 -3.47 19.57 38.20
CA GLY E 66 -2.43 19.45 39.19
C GLY E 66 -2.77 18.58 40.38
N ARG E 67 -4.05 18.27 40.58
CA ARG E 67 -4.45 17.47 41.73
C ARG E 67 -5.37 16.31 41.39
N PHE E 68 -5.81 16.15 40.15
CA PHE E 68 -6.55 14.98 39.71
C PHE E 68 -5.75 14.29 38.61
N THR E 69 -5.71 12.96 38.66
CA THR E 69 -5.03 12.17 37.65
C THR E 69 -5.99 11.16 37.05
N ILE E 70 -6.05 11.12 35.72
CA ILE E 70 -6.90 10.19 34.99
C ILE E 70 -6.03 9.10 34.40
N SER E 71 -6.57 7.89 34.36
CA SER E 71 -5.84 6.75 33.81
C SER E 71 -6.84 5.68 33.40
N ARG E 72 -6.38 4.76 32.57
CA ARG E 72 -7.20 3.66 32.09
C ARG E 72 -6.40 2.37 32.13
N ASP E 73 -7.12 1.25 32.27
CA ASP E 73 -6.53 -0.09 32.30
C ASP E 73 -7.16 -0.89 31.18
N ASP E 74 -6.52 -0.86 30.01
CA ASP E 74 -7.13 -1.45 28.82
C ASP E 74 -7.38 -2.95 28.95
N PRO E 75 -6.44 -3.78 29.43
CA PRO E 75 -6.78 -5.20 29.60
C PRO E 75 -7.94 -5.46 30.53
N LYS E 76 -8.09 -4.66 31.58
CA LYS E 76 -9.13 -4.89 32.57
C LYS E 76 -10.41 -4.12 32.28
N ASN E 77 -10.43 -3.28 31.25
CA ASN E 77 -11.61 -2.51 30.85
C ASN E 77 -12.13 -1.65 32.00
N THR E 78 -11.27 -0.76 32.48
CA THR E 78 -11.62 0.06 33.63
C THR E 78 -10.96 1.43 33.50
N LEU E 79 -11.72 2.48 33.82
CA LEU E 79 -11.24 3.86 33.77
C LEU E 79 -11.20 4.44 35.17
N PHE E 80 -10.11 5.13 35.50
CA PHE E 80 -9.86 5.64 36.83
C PHE E 80 -9.85 7.15 36.87
N LEU E 81 -9.95 7.69 38.09
CA LEU E 81 -9.76 9.12 38.33
C LEU E 81 -9.35 9.25 39.79
N GLN E 82 -8.10 9.60 40.05
CA GLN E 82 -7.57 9.64 41.40
C GLN E 82 -7.56 11.09 41.89
N MET E 83 -8.09 11.28 43.10
CA MET E 83 -8.21 12.60 43.70
C MET E 83 -7.05 12.86 44.65
N THR E 84 -6.58 14.10 44.68
CA THR E 84 -5.69 14.57 45.73
C THR E 84 -6.15 15.95 46.17
N SER E 85 -6.14 16.19 47.48
CA SER E 85 -6.52 17.47 48.06
C SER E 85 -7.92 17.88 47.63
N LEU E 86 -8.90 17.08 48.03
CA LEU E 86 -10.28 17.36 47.70
C LEU E 86 -10.73 18.67 48.33
N ARG E 87 -11.80 19.23 47.78
CA ARG E 87 -12.26 20.56 48.11
C ARG E 87 -13.78 20.53 48.28
N SER E 88 -14.34 21.66 48.71
CA SER E 88 -15.78 21.79 48.81
C SER E 88 -16.42 22.06 47.46
N GLU E 89 -15.63 22.43 46.46
CA GLU E 89 -16.12 22.62 45.10
C GLU E 89 -16.08 21.35 44.28
N ASP E 90 -15.53 20.26 44.81
CA ASP E 90 -15.45 18.99 44.12
C ASP E 90 -16.58 18.05 44.52
N THR E 91 -17.73 18.59 44.89
CA THR E 91 -18.91 17.80 45.20
C THR E 91 -19.84 17.78 44.00
N ALA E 92 -20.13 16.58 43.51
CA ALA E 92 -20.87 16.41 42.26
C ALA E 92 -21.12 14.93 42.04
N MET E 93 -21.89 14.63 41.00
CA MET E 93 -22.04 13.28 40.48
C MET E 93 -21.17 13.14 39.24
N TYR E 94 -20.21 12.24 39.29
CA TYR E 94 -19.20 12.11 38.24
C TYR E 94 -19.66 11.10 37.21
N TYR E 95 -19.74 11.53 35.96
CA TYR E 95 -20.17 10.68 34.86
C TYR E 95 -18.99 10.26 34.02
N CYS E 96 -19.11 9.09 33.41
CA CYS E 96 -18.10 8.54 32.52
C CYS E 96 -18.67 8.53 31.11
N VAL E 97 -17.93 9.13 30.17
CA VAL E 97 -18.39 9.29 28.80
C VAL E 97 -17.38 8.67 27.86
N ARG E 98 -17.85 7.80 26.96
CA ARG E 98 -17.02 7.30 25.88
C ARG E 98 -17.16 8.21 24.67
N SER E 99 -16.03 8.48 24.01
CA SER E 99 -16.01 9.31 22.82
C SER E 99 -15.08 8.70 21.80
N ILE E 100 -15.52 8.61 20.56
CA ILE E 100 -14.72 8.06 19.47
C ILE E 100 -14.63 9.11 18.37
N TYR E 101 -13.43 9.28 17.84
CA TYR E 101 -13.12 10.38 16.94
C TYR E 101 -12.59 9.85 15.62
N TYR E 102 -13.38 9.98 14.57
CA TYR E 102 -12.94 9.83 13.19
C TYR E 102 -13.91 10.63 12.33
N TYR E 103 -13.79 10.50 11.02
CA TYR E 103 -14.66 11.25 10.13
C TYR E 103 -16.06 10.65 10.16
N GLY E 104 -17.05 11.45 10.52
CA GLY E 104 -18.41 11.01 10.57
C GLY E 104 -18.82 10.32 11.86
N SER E 105 -17.95 10.29 12.87
CA SER E 105 -18.27 9.64 14.12
C SER E 105 -19.18 10.52 14.97
N SER E 106 -19.78 9.91 15.99
CA SER E 106 -20.66 10.60 16.94
C SER E 106 -20.04 10.55 18.32
N PRO E 107 -19.24 11.54 18.70
CA PRO E 107 -18.68 11.56 20.06
C PRO E 107 -19.72 11.86 21.11
N PHE E 108 -19.38 11.50 22.35
CA PHE E 108 -20.26 11.64 23.50
C PHE E 108 -21.55 10.84 23.34
N ASP E 109 -21.41 9.61 22.81
CA ASP E 109 -22.56 8.76 22.60
C ASP E 109 -23.15 8.25 23.92
N PHE E 110 -22.35 7.52 24.68
CA PHE E 110 -22.83 6.81 25.86
C PHE E 110 -22.35 7.49 27.12
N TRP E 111 -23.26 7.69 28.07
CA TRP E 111 -22.96 8.21 29.39
C TRP E 111 -23.35 7.17 30.43
N GLY E 112 -22.42 6.82 31.30
CA GLY E 112 -22.70 5.88 32.35
C GLY E 112 -23.25 6.59 33.58
N GLN E 113 -24.26 5.98 34.20
CA GLN E 113 -24.80 6.51 35.43
C GLN E 113 -23.71 6.61 36.47
N GLY E 114 -23.59 7.78 37.11
CA GLY E 114 -22.39 8.12 37.82
C GLY E 114 -22.42 7.82 39.30
N THR E 115 -21.32 8.20 39.95
CA THR E 115 -21.14 8.04 41.39
C THR E 115 -21.15 9.40 42.07
N THR E 116 -21.69 9.44 43.28
CA THR E 116 -21.85 10.67 44.04
C THR E 116 -20.72 10.81 45.04
N LEU E 117 -19.98 11.91 44.95
CA LEU E 117 -18.93 12.24 45.90
C LEU E 117 -19.36 13.46 46.69
N THR E 118 -19.35 13.34 48.01
CA THR E 118 -19.81 14.40 48.90
C THR E 118 -18.66 14.80 49.82
N VAL E 119 -17.83 15.72 49.35
CA VAL E 119 -16.73 16.24 50.14
C VAL E 119 -17.29 17.25 51.13
N SER E 120 -17.17 16.95 52.42
CA SER E 120 -17.73 17.80 53.47
C SER E 120 -16.70 18.77 54.00
N SER E 136 -8.96 32.16 25.80
CA SER E 136 -9.37 31.81 27.16
C SER E 136 -10.30 30.61 27.16
N ASP E 137 -11.53 30.83 27.60
CA ASP E 137 -12.56 29.79 27.62
C ASP E 137 -13.75 30.25 26.82
N ILE E 138 -14.34 29.33 26.05
CA ILE E 138 -15.47 29.67 25.20
C ILE E 138 -16.74 29.64 26.04
N VAL E 139 -17.07 30.76 26.66
CA VAL E 139 -18.34 30.87 27.37
C VAL E 139 -19.46 30.85 26.35
N MET E 140 -20.50 30.08 26.65
CA MET E 140 -21.62 29.98 25.73
C MET E 140 -22.89 29.80 26.53
N THR E 141 -23.91 30.59 26.19
CA THR E 141 -24.99 30.92 27.10
C THR E 141 -26.34 30.52 26.53
N GLN E 142 -27.19 29.99 27.40
CA GLN E 142 -28.58 29.69 27.08
C GLN E 142 -29.41 30.77 27.77
N ALA E 143 -29.88 31.74 26.99
CA ALA E 143 -30.56 32.90 27.57
C ALA E 143 -31.81 32.48 28.34
N THR E 144 -32.58 31.56 27.78
CA THR E 144 -33.72 31.02 28.51
C THR E 144 -33.24 30.09 29.61
N SER E 145 -34.07 29.95 30.64
CA SER E 145 -33.79 29.03 31.74
C SER E 145 -34.92 28.06 32.03
N SER E 146 -36.15 28.36 31.64
CA SER E 146 -37.27 27.45 31.86
C SER E 146 -38.33 27.74 30.82
N VAL E 147 -38.86 26.70 30.20
CA VAL E 147 -39.88 26.84 29.15
C VAL E 147 -41.10 26.01 29.51
N PRO E 148 -42.22 26.63 29.90
CA PRO E 148 -43.45 25.88 30.14
C PRO E 148 -44.19 25.66 28.83
N VAL E 149 -44.36 24.39 28.45
CA VAL E 149 -44.85 24.05 27.12
C VAL E 149 -46.03 23.10 27.23
N THR E 150 -46.83 23.08 26.17
CA THR E 150 -48.00 22.23 26.01
C THR E 150 -47.66 21.04 25.12
N PRO E 151 -48.05 19.83 25.49
CA PRO E 151 -47.70 18.66 24.67
C PRO E 151 -48.25 18.77 23.26
N GLY E 152 -47.47 18.25 22.31
CA GLY E 152 -47.83 18.29 20.91
C GLY E 152 -47.42 19.56 20.19
N GLU E 153 -46.86 20.54 20.88
CA GLU E 153 -46.51 21.81 20.29
C GLU E 153 -45.02 21.90 20.06
N SER E 154 -44.63 22.50 18.93
CA SER E 154 -43.23 22.70 18.62
C SER E 154 -42.58 23.67 19.59
N VAL E 155 -41.37 23.35 20.03
CA VAL E 155 -40.62 24.17 20.96
C VAL E 155 -39.23 24.39 20.38
N SER E 156 -38.66 25.56 20.65
CA SER E 156 -37.35 25.93 20.15
C SER E 156 -36.46 26.33 21.32
N ILE E 157 -35.32 25.66 21.45
CA ILE E 157 -34.33 25.97 22.47
C ILE E 157 -33.11 26.54 21.77
N SER E 158 -32.63 27.68 22.26
CA SER E 158 -31.54 28.38 21.60
C SER E 158 -30.45 28.72 22.61
N CYS E 159 -29.21 28.52 22.21
CA CYS E 159 -28.06 28.99 22.98
C CYS E 159 -27.06 29.59 22.01
N ARG E 160 -26.28 30.55 22.51
CA ARG E 160 -25.29 31.24 21.72
C ARG E 160 -23.93 31.10 22.36
N SER E 161 -22.91 31.60 21.67
CA SER E 161 -21.53 31.46 22.09
C SER E 161 -20.82 32.81 22.05
N SER E 162 -19.60 32.82 22.59
CA SER E 162 -18.78 34.02 22.56
C SER E 162 -18.05 34.15 21.23
N LYS E 163 -17.52 33.05 20.70
CA LYS E 163 -16.84 33.04 19.42
C LYS E 163 -17.46 31.98 18.52
N SER E 164 -17.21 32.13 17.22
CA SER E 164 -17.84 31.26 16.23
C SER E 164 -17.36 29.82 16.37
N LEU E 165 -18.31 28.89 16.30
CA LEU E 165 -18.04 27.46 16.38
C LEU E 165 -17.88 26.82 15.02
N LEU E 166 -17.94 27.61 13.95
CA LEU E 166 -17.77 27.09 12.60
C LEU E 166 -16.28 27.12 12.25
N HIS E 167 -15.73 25.95 11.99
CA HIS E 167 -14.31 25.82 11.70
C HIS E 167 -14.05 26.04 10.21
N SER E 168 -12.78 26.08 9.86
CA SER E 168 -12.39 26.23 8.46
C SER E 168 -12.71 24.98 7.65
N ASN E 169 -12.98 23.85 8.29
CA ASN E 169 -13.32 22.62 7.59
C ASN E 169 -14.82 22.40 7.44
N GLY E 170 -15.63 23.39 7.83
CA GLY E 170 -17.06 23.33 7.63
C GLY E 170 -17.85 22.65 8.71
N ASN E 171 -17.20 22.18 9.78
CA ASN E 171 -17.89 21.53 10.88
C ASN E 171 -18.18 22.55 11.97
N THR E 172 -19.45 22.63 12.38
CA THR E 172 -19.86 23.48 13.50
C THR E 172 -19.96 22.58 14.73
N TYR E 173 -19.01 22.71 15.64
CA TYR E 173 -18.86 21.77 16.74
C TYR E 173 -19.76 22.20 17.89
N LEU E 174 -21.02 21.81 17.82
CA LEU E 174 -21.94 22.03 18.93
C LEU E 174 -22.81 20.81 19.11
N TYR E 175 -22.98 20.40 20.37
CA TYR E 175 -23.65 19.18 20.73
C TYR E 175 -24.82 19.49 21.65
N TRP E 176 -25.94 18.83 21.41
CA TRP E 176 -27.14 18.99 22.21
C TRP E 176 -27.36 17.74 23.04
N PHE E 177 -27.59 17.91 24.33
CA PHE E 177 -27.77 16.82 25.27
C PHE E 177 -29.09 16.97 25.99
N LEU E 178 -29.62 15.84 26.46
CA LEU E 178 -30.88 15.82 27.19
C LEU E 178 -30.69 15.01 28.47
N GLN E 179 -31.16 15.55 29.57
CA GLN E 179 -31.10 14.89 30.87
C GLN E 179 -32.52 14.74 31.40
N ARG E 180 -33.08 13.54 31.28
CA ARG E 180 -34.35 13.25 31.92
C ARG E 180 -34.15 13.19 33.42
N PRO E 181 -35.22 13.40 34.20
CA PRO E 181 -35.08 13.37 35.66
C PRO E 181 -34.55 12.02 36.13
N GLY E 182 -33.54 12.07 37.01
CA GLY E 182 -32.96 10.85 37.55
C GLY E 182 -32.33 9.94 36.52
N GLN E 183 -31.73 10.52 35.48
CA GLN E 183 -31.15 9.75 34.39
C GLN E 183 -29.89 10.43 33.89
N SER E 184 -29.03 9.65 33.27
CA SER E 184 -27.80 10.19 32.71
C SER E 184 -28.10 10.93 31.41
N PRO E 185 -27.36 11.99 31.12
CA PRO E 185 -27.55 12.70 29.85
C PRO E 185 -27.25 11.82 28.65
N GLN E 186 -27.97 12.07 27.57
CA GLN E 186 -27.75 11.37 26.31
C GLN E 186 -27.72 12.37 25.17
N LEU E 187 -27.11 11.95 24.07
CA LEU E 187 -26.86 12.82 22.93
C LEU E 187 -28.06 12.87 22.00
N LEU E 188 -28.35 14.06 21.49
CA LEU E 188 -29.42 14.26 20.52
C LEU E 188 -28.89 14.71 19.17
N ILE E 189 -28.15 15.81 19.13
CA ILE E 189 -27.61 16.39 17.90
C ILE E 189 -26.12 16.57 18.09
N TYR E 190 -25.33 16.03 17.17
CA TYR E 190 -23.90 16.28 17.15
C TYR E 190 -23.55 17.08 15.92
N ARG E 191 -22.72 18.11 16.12
CA ARG E 191 -22.28 19.01 15.06
C ARG E 191 -23.44 19.76 14.42
N MET E 192 -24.39 20.16 15.27
CA MET E 192 -25.41 21.17 14.98
C MET E 192 -26.51 20.69 14.05
N SER E 193 -26.32 19.54 13.41
CA SER E 193 -27.30 19.06 12.43
C SER E 193 -27.61 17.58 12.49
N ASN E 194 -26.73 16.74 13.03
CA ASN E 194 -26.80 15.30 12.85
C ASN E 194 -27.47 14.64 14.05
N LEU E 195 -28.50 13.85 13.80
CA LEU E 195 -29.18 13.12 14.84
C LEU E 195 -28.34 11.95 15.31
N ALA E 196 -28.43 11.64 16.60
CA ALA E 196 -27.76 10.48 17.14
C ALA E 196 -28.55 9.22 16.81
N SER E 197 -27.92 8.07 17.04
CA SER E 197 -28.57 6.80 16.78
C SER E 197 -29.66 6.54 17.81
N GLY E 198 -30.86 6.22 17.33
CA GLY E 198 -31.99 5.95 18.20
C GLY E 198 -32.79 7.17 18.60
N VAL E 199 -32.41 8.36 18.14
CA VAL E 199 -33.11 9.59 18.47
C VAL E 199 -34.22 9.82 17.45
N PRO E 200 -35.43 10.19 17.88
CA PRO E 200 -36.52 10.40 16.92
C PRO E 200 -36.21 11.53 15.95
N ASP E 201 -36.79 11.43 14.76
CA ASP E 201 -36.59 12.41 13.71
C ASP E 201 -37.25 13.74 14.00
N ARG E 202 -38.08 13.83 15.05
CA ARG E 202 -38.73 15.09 15.37
C ARG E 202 -37.72 16.15 15.82
N PHE E 203 -36.60 15.72 16.37
CA PHE E 203 -35.55 16.65 16.75
C PHE E 203 -34.85 17.20 15.52
N SER E 204 -34.39 18.45 15.62
CA SER E 204 -33.69 19.08 14.51
C SER E 204 -32.75 20.14 15.05
N GLY E 205 -31.75 20.48 14.25
CA GLY E 205 -30.78 21.46 14.66
C GLY E 205 -30.43 22.43 13.54
N SER E 206 -30.22 23.70 13.90
CA SER E 206 -29.89 24.71 12.91
C SER E 206 -29.16 25.85 13.59
N GLY E 207 -28.52 26.67 12.79
CA GLY E 207 -27.87 27.86 13.30
C GLY E 207 -26.61 28.18 12.51
N SER E 208 -26.02 29.30 12.87
CA SER E 208 -24.75 29.76 12.32
C SER E 208 -23.74 29.86 13.45
N GLY E 209 -22.57 30.40 13.15
CA GLY E 209 -21.63 30.70 14.21
C GLY E 209 -22.25 31.66 15.20
N THR E 210 -22.13 31.35 16.49
CA THR E 210 -22.63 32.18 17.59
C THR E 210 -24.15 32.32 17.58
N ALA E 211 -24.86 31.38 16.98
CA ALA E 211 -26.33 31.41 16.97
C ALA E 211 -26.82 30.02 16.61
N PHE E 212 -27.53 29.39 17.53
CA PHE E 212 -27.94 28.00 17.37
C PHE E 212 -29.34 27.82 17.92
N THR E 213 -30.03 26.80 17.41
CA THR E 213 -31.38 26.51 17.85
C THR E 213 -31.64 25.02 17.76
N LEU E 214 -32.55 24.54 18.60
CA LEU E 214 -32.96 23.14 18.63
C LEU E 214 -34.48 23.10 18.61
N THR E 215 -35.05 22.58 17.54
CA THR E 215 -36.49 22.54 17.36
C THR E 215 -37.00 21.14 17.62
N ILE E 216 -37.90 21.01 18.60
CA ILE E 216 -38.57 19.74 18.84
C ILE E 216 -40.00 19.84 18.31
N SER E 217 -40.20 19.47 17.06
CA SER E 217 -41.53 19.44 16.48
C SER E 217 -42.31 18.25 17.03
N ARG E 218 -43.62 18.45 17.20
CA ARG E 218 -44.53 17.41 17.69
C ARG E 218 -44.04 16.86 19.03
N LEU E 219 -44.03 17.74 20.04
CA LEU E 219 -43.52 17.37 21.35
C LEU E 219 -44.35 16.26 21.97
N GLU E 220 -43.70 15.46 22.80
CA GLU E 220 -44.34 14.33 23.46
C GLU E 220 -43.78 14.18 24.87
N ALA E 221 -44.51 13.44 25.69
CA ALA E 221 -44.01 13.08 27.00
C ALA E 221 -42.78 12.18 26.85
N GLU E 222 -42.11 11.95 27.98
CA GLU E 222 -40.79 11.29 27.99
C GLU E 222 -39.78 12.06 27.15
N ASP E 223 -40.00 13.37 27.03
CA ASP E 223 -39.09 14.26 26.32
C ASP E 223 -38.97 15.58 27.07
N VAL E 224 -39.09 15.55 28.39
CA VAL E 224 -38.98 16.73 29.24
C VAL E 224 -37.77 16.56 30.16
N GLY E 225 -36.99 17.63 30.27
CA GLY E 225 -35.76 17.57 31.03
C GLY E 225 -34.96 18.83 30.79
N VAL E 226 -33.67 18.75 31.12
CA VAL E 226 -32.77 19.89 30.98
C VAL E 226 -31.93 19.66 29.74
N TYR E 227 -31.98 20.63 28.81
CA TYR E 227 -31.31 20.53 27.53
C TYR E 227 -30.01 21.31 27.59
N TYR E 228 -28.90 20.64 27.28
CA TYR E 228 -27.57 21.23 27.37
C TYR E 228 -26.97 21.36 25.98
N CYS E 229 -26.20 22.43 25.78
CA CYS E 229 -25.46 22.64 24.56
C CYS E 229 -23.98 22.77 24.88
N MET E 230 -23.17 21.94 24.21
CA MET E 230 -21.74 21.87 24.47
C MET E 230 -20.98 22.29 23.22
N GLN E 231 -19.81 22.88 23.43
CA GLN E 231 -18.88 23.16 22.35
C GLN E 231 -17.74 22.16 22.38
N HIS E 232 -17.35 21.68 21.21
CA HIS E 232 -16.19 20.83 21.07
C HIS E 232 -15.11 21.48 20.22
N LEU E 233 -15.17 22.80 20.05
CA LEU E 233 -14.20 23.48 19.20
C LEU E 233 -12.80 23.39 19.78
N GLU E 234 -12.65 23.62 21.08
CA GLU E 234 -11.35 23.50 21.72
C GLU E 234 -11.54 23.25 23.20
N TYR E 235 -10.51 22.71 23.83
CA TYR E 235 -10.51 22.42 25.24
C TYR E 235 -10.21 23.69 26.05
N PRO E 236 -10.81 23.86 27.23
CA PRO E 236 -11.73 22.95 27.90
C PRO E 236 -13.11 22.90 27.27
N LEU E 237 -13.77 21.75 27.35
CA LEU E 237 -15.10 21.61 26.79
C LEU E 237 -16.08 22.32 27.70
N THR E 238 -16.75 23.34 27.16
CA THR E 238 -17.63 24.21 27.94
C THR E 238 -19.08 23.86 27.64
N PHE E 239 -19.82 23.51 28.68
CA PHE E 239 -21.23 23.24 28.59
C PHE E 239 -22.02 24.53 28.79
N GLY E 240 -23.35 24.42 28.75
CA GLY E 240 -24.21 25.55 28.98
C GLY E 240 -24.86 25.51 30.36
N ALA E 241 -25.62 26.58 30.64
CA ALA E 241 -26.34 26.64 31.91
C ALA E 241 -27.43 25.58 31.97
N GLY E 242 -28.08 25.31 30.85
CA GLY E 242 -29.12 24.31 30.80
C GLY E 242 -30.53 24.89 30.79
N THR E 243 -31.24 24.66 29.70
CA THR E 243 -32.62 25.11 29.54
C THR E 243 -33.54 23.92 29.77
N LYS E 244 -34.39 24.00 30.77
CA LYS E 244 -35.27 22.91 31.13
C LYS E 244 -36.67 23.16 30.60
N LEU E 245 -37.34 22.08 30.20
CA LEU E 245 -38.71 22.13 29.69
C LEU E 245 -39.62 21.40 30.67
N GLU E 246 -40.65 22.08 31.13
CA GLU E 246 -41.63 21.51 32.04
C GLU E 246 -43.00 21.58 31.41
N LEU E 247 -43.85 20.61 31.76
CA LEU E 247 -45.18 20.49 31.16
C LEU E 247 -46.00 21.77 31.38
N VAL F 5 -6.26 22.39 12.51
CA VAL F 5 -6.81 21.19 13.13
C VAL F 5 -7.68 21.54 14.33
N SER F 6 -8.90 21.04 14.32
CA SER F 6 -9.80 21.22 15.44
C SER F 6 -9.50 20.19 16.52
N ALA F 7 -10.27 20.22 17.61
CA ALA F 7 -10.06 19.23 18.65
C ALA F 7 -10.39 17.83 18.15
N GLU F 8 -11.45 17.72 17.33
CA GLU F 8 -11.86 16.44 16.80
C GLU F 8 -10.96 15.95 15.68
N ASP F 9 -10.51 16.86 14.82
CA ASP F 9 -9.58 16.47 13.76
C ASP F 9 -8.24 16.06 14.33
N LYS F 10 -7.83 16.64 15.46
CA LYS F 10 -6.62 16.21 16.12
C LYS F 10 -6.78 14.82 16.71
N ALA F 11 -7.94 14.54 17.29
CA ALA F 11 -8.20 13.22 17.84
C ALA F 11 -8.32 12.17 16.75
N ALA F 12 -8.81 12.56 15.58
CA ALA F 12 -8.86 11.64 14.45
C ALA F 12 -7.47 11.31 13.95
N ALA F 13 -6.55 12.28 13.99
CA ALA F 13 -5.19 12.05 13.57
C ALA F 13 -4.47 11.08 14.50
N GLU F 14 -4.73 11.18 15.79
CA GLU F 14 -4.10 10.28 16.74
C GLU F 14 -4.61 8.85 16.58
N ARG F 15 -5.89 8.71 16.23
CA ARG F 15 -6.42 7.39 15.89
C ARG F 15 -5.75 6.82 14.66
N SER F 16 -5.56 7.66 13.64
CA SER F 16 -4.90 7.21 12.42
C SER F 16 -3.47 6.78 12.70
N LYS F 17 -2.83 7.37 13.71
CA LYS F 17 -1.48 6.95 14.06
C LYS F 17 -1.48 5.58 14.71
N MET F 18 -2.51 5.26 15.50
CA MET F 18 -2.55 3.98 16.17
C MET F 18 -2.91 2.85 15.22
N ILE F 19 -3.65 3.14 14.15
CA ILE F 19 -3.86 2.15 13.11
C ILE F 19 -2.54 1.82 12.44
N ASP F 20 -1.71 2.83 12.20
CA ASP F 20 -0.38 2.59 11.65
C ASP F 20 0.47 1.74 12.58
N LYS F 21 0.42 2.01 13.87
CA LYS F 21 1.24 1.26 14.81
C LYS F 21 0.90 -0.22 14.76
N ASN F 22 -0.32 -0.54 14.37
CA ASN F 22 -0.76 -1.93 14.28
C ASN F 22 -0.58 -2.50 12.88
N LEU F 23 -0.62 -1.68 11.85
CA LEU F 23 -0.32 -2.17 10.51
C LEU F 23 1.13 -2.59 10.40
N ARG F 24 2.04 -1.79 10.96
CA ARG F 24 3.46 -2.14 10.89
C ARG F 24 3.78 -3.35 11.74
N GLU F 25 3.14 -3.47 12.90
CA GLU F 25 3.38 -4.62 13.75
C GLU F 25 2.95 -5.91 13.07
N ASP F 26 1.83 -5.86 12.36
CA ASP F 26 1.39 -7.03 11.61
C ASP F 26 2.29 -7.28 10.41
N GLY F 27 2.85 -6.23 9.83
CA GLY F 27 3.78 -6.39 8.74
C GLY F 27 5.06 -7.08 9.14
N GLU F 28 5.49 -6.88 10.39
CA GLU F 28 6.67 -7.59 10.89
C GLU F 28 6.42 -9.09 10.98
N LYS F 29 5.23 -9.50 11.45
CA LYS F 29 4.91 -10.91 11.43
C LYS F 29 4.80 -11.43 10.00
N ALA F 30 4.33 -10.59 9.08
CA ALA F 30 4.20 -11.03 7.70
C ALA F 30 5.55 -11.20 7.04
N ARG F 31 6.55 -10.45 7.48
CA ARG F 31 7.83 -10.48 6.81
C ARG F 31 8.62 -11.75 7.15
N ARG F 32 8.33 -12.38 8.28
CA ARG F 32 9.12 -13.51 8.75
C ARG F 32 8.51 -14.85 8.37
N THR F 33 7.50 -14.86 7.52
CA THR F 33 6.86 -16.10 7.07
C THR F 33 7.05 -16.24 5.57
N LEU F 34 7.36 -17.46 5.13
CA LEU F 34 7.71 -17.73 3.74
C LEU F 34 6.55 -18.43 3.06
N ARG F 35 6.00 -17.80 2.04
CA ARG F 35 4.80 -18.26 1.36
C ARG F 35 5.15 -19.07 0.13
N LEU F 36 4.48 -20.20 -0.03
CA LEU F 36 4.70 -21.09 -1.14
C LEU F 36 3.37 -21.40 -1.81
N LEU F 37 3.44 -21.81 -3.07
CA LEU F 37 2.26 -22.22 -3.82
C LEU F 37 2.45 -23.63 -4.36
N LEU F 38 1.46 -24.48 -4.12
CA LEU F 38 1.51 -25.89 -4.49
C LEU F 38 0.68 -26.10 -5.75
N LEU F 39 1.30 -26.70 -6.75
CA LEU F 39 0.67 -26.96 -8.03
C LEU F 39 0.94 -28.39 -8.46
N GLY F 40 0.05 -28.91 -9.28
CA GLY F 40 0.17 -30.27 -9.76
C GLY F 40 -1.16 -30.88 -10.12
N ALA F 41 -1.19 -31.65 -11.20
CA ALA F 41 -2.43 -32.28 -11.61
C ALA F 41 -2.86 -33.30 -10.58
N ASP F 42 -4.12 -33.72 -10.66
CA ASP F 42 -4.57 -34.83 -9.84
C ASP F 42 -3.80 -36.08 -10.22
N ASN F 43 -3.59 -36.95 -9.24
CA ASN F 43 -2.73 -38.16 -9.24
C ASN F 43 -1.28 -37.82 -8.95
N SER F 44 -1.00 -36.58 -8.55
CA SER F 44 0.34 -36.14 -8.24
C SER F 44 0.72 -36.34 -6.78
N GLY F 45 -0.22 -36.78 -5.95
CA GLY F 45 0.07 -36.87 -4.52
C GLY F 45 0.38 -35.53 -3.90
N LYS F 46 -0.25 -34.48 -4.41
CA LYS F 46 0.11 -33.12 -4.02
C LYS F 46 -0.10 -32.89 -2.54
N SER F 47 -1.19 -33.41 -2.00
CA SER F 47 -1.58 -33.18 -0.62
C SER F 47 -0.84 -34.08 0.36
N THR F 48 0.06 -34.92 -0.12
CA THR F 48 0.75 -35.86 0.75
C THR F 48 2.26 -35.75 0.62
N ILE F 49 2.80 -34.53 0.65
CA ILE F 49 4.24 -34.34 0.56
C ILE F 49 4.85 -33.95 1.89
N VAL F 50 4.37 -32.87 2.49
CA VAL F 50 4.88 -32.45 3.79
C VAL F 50 4.10 -33.20 4.87
N LYS F 51 4.63 -34.33 5.31
CA LYS F 51 3.92 -35.20 6.23
C LYS F 51 4.48 -35.08 7.63
N GLY F 68 -11.88 -22.34 -1.44
CA GLY F 68 -11.04 -22.71 -2.56
C GLY F 68 -9.55 -22.68 -2.25
N ILE F 69 -9.22 -22.26 -1.04
CA ILE F 69 -7.84 -22.19 -0.57
C ILE F 69 -7.70 -23.11 0.64
N PHE F 70 -6.70 -23.99 0.60
CA PHE F 70 -6.36 -24.84 1.74
C PHE F 70 -4.95 -24.46 2.18
N GLU F 71 -4.86 -23.58 3.17
CA GLU F 71 -3.58 -23.20 3.73
C GLU F 71 -3.01 -24.31 4.62
N THR F 72 -1.70 -24.48 4.57
CA THR F 72 -1.00 -25.46 5.39
C THR F 72 0.26 -24.81 5.95
N LYS F 73 0.47 -24.94 7.26
CA LYS F 73 1.60 -24.32 7.93
C LYS F 73 2.54 -25.39 8.46
N PHE F 74 3.81 -25.29 8.11
CA PHE F 74 4.86 -26.10 8.70
C PHE F 74 6.05 -25.20 8.95
N GLN F 75 6.80 -25.50 9.98
CA GLN F 75 8.01 -24.75 10.28
C GLN F 75 9.18 -25.69 10.36
N VAL F 76 10.32 -25.26 9.85
CA VAL F 76 11.55 -26.05 9.88
C VAL F 76 12.71 -25.12 10.22
N ASP F 77 13.56 -25.55 11.17
CA ASP F 77 14.70 -24.77 11.65
C ASP F 77 14.26 -23.38 12.10
N LYS F 78 13.11 -23.32 12.77
CA LYS F 78 12.57 -22.09 13.34
C LYS F 78 12.24 -21.06 12.28
N VAL F 79 11.96 -21.51 11.06
CA VAL F 79 11.57 -20.63 9.96
C VAL F 79 10.18 -21.04 9.53
N ASN F 80 9.27 -20.09 9.52
CA ASN F 80 7.86 -20.36 9.25
C ASN F 80 7.59 -20.43 7.76
N PHE F 81 6.97 -21.51 7.33
CA PHE F 81 6.57 -21.72 5.95
C PHE F 81 5.05 -21.81 5.88
N HIS F 82 4.50 -21.45 4.73
CA HIS F 82 3.06 -21.26 4.61
C HIS F 82 2.66 -21.62 3.19
N MET F 83 1.90 -22.71 3.05
CA MET F 83 1.64 -23.35 1.77
C MET F 83 0.17 -23.26 1.40
N PHE F 84 -0.09 -22.84 0.16
CA PHE F 84 -1.44 -22.69 -0.37
C PHE F 84 -1.64 -23.56 -1.59
N ASP F 85 -2.80 -24.20 -1.68
CA ASP F 85 -3.22 -24.86 -2.91
C ASP F 85 -4.65 -24.47 -3.24
N VAL F 86 -4.89 -24.22 -4.52
CA VAL F 86 -6.17 -23.73 -5.01
C VAL F 86 -6.96 -24.89 -5.59
N GLY F 87 -8.19 -25.06 -5.13
CA GLY F 87 -9.06 -26.09 -5.65
C GLY F 87 -10.50 -25.65 -5.77
N ARG F 93 -6.53 -21.73 -14.76
CA ARG F 93 -5.79 -21.08 -13.69
C ARG F 93 -4.98 -19.92 -14.23
N ARG F 94 -5.17 -19.63 -15.51
CA ARG F 94 -4.37 -18.59 -16.15
C ARG F 94 -4.64 -17.22 -15.58
N LYS F 95 -5.67 -17.05 -14.76
CA LYS F 95 -6.04 -15.73 -14.28
C LYS F 95 -5.67 -15.48 -12.83
N TRP F 96 -6.03 -16.38 -11.92
CA TRP F 96 -5.73 -16.13 -10.52
C TRP F 96 -4.26 -16.28 -10.20
N ILE F 97 -3.44 -16.71 -11.16
CA ILE F 97 -2.04 -16.96 -10.89
C ILE F 97 -1.28 -15.66 -10.72
N GLN F 98 -1.88 -14.54 -11.12
CA GLN F 98 -1.26 -13.25 -10.92
C GLN F 98 -1.24 -12.83 -9.46
N CYS F 99 -2.10 -13.42 -8.63
CA CYS F 99 -2.07 -13.11 -7.21
C CYS F 99 -0.75 -13.54 -6.59
N PHE F 100 -0.21 -14.65 -7.05
CA PHE F 100 0.98 -15.25 -6.47
C PHE F 100 2.24 -14.81 -7.20
N ASN F 101 2.35 -13.51 -7.41
CA ASN F 101 3.51 -12.90 -8.03
C ASN F 101 4.61 -12.61 -7.03
N ASP F 102 4.33 -12.69 -5.74
CA ASP F 102 5.28 -12.36 -4.69
C ASP F 102 5.37 -13.49 -3.68
N VAL F 103 5.52 -14.72 -4.16
CA VAL F 103 5.71 -15.85 -3.28
C VAL F 103 7.19 -16.18 -3.28
N THR F 104 7.60 -16.99 -2.30
CA THR F 104 8.98 -17.42 -2.25
C THR F 104 9.28 -18.47 -3.32
N ALA F 105 8.38 -19.43 -3.49
CA ALA F 105 8.57 -20.48 -4.46
C ALA F 105 7.22 -21.02 -4.90
N ILE F 106 7.24 -21.68 -6.04
CA ILE F 106 6.14 -22.51 -6.51
C ILE F 106 6.61 -23.95 -6.43
N ILE F 107 5.85 -24.79 -5.75
CA ILE F 107 6.19 -26.20 -5.61
C ILE F 107 5.37 -26.96 -6.64
N PHE F 108 6.05 -27.53 -7.62
CA PHE F 108 5.41 -28.28 -8.68
C PHE F 108 5.65 -29.76 -8.46
N VAL F 109 4.57 -30.53 -8.44
CA VAL F 109 4.59 -31.90 -7.98
C VAL F 109 4.11 -32.77 -9.14
N VAL F 110 4.95 -33.70 -9.57
CA VAL F 110 4.77 -34.42 -10.82
C VAL F 110 4.92 -35.90 -10.55
N ASP F 111 4.00 -36.70 -11.07
CA ASP F 111 4.13 -38.14 -11.00
C ASP F 111 5.04 -38.59 -12.13
N SER F 112 6.14 -39.24 -11.79
CA SER F 112 7.10 -39.72 -12.76
C SER F 112 6.79 -41.12 -13.24
N SER F 113 5.66 -41.69 -12.82
CA SER F 113 5.30 -43.06 -13.17
C SER F 113 4.30 -43.15 -14.31
N ASP F 114 3.26 -42.32 -14.29
CA ASP F 114 2.19 -42.40 -15.29
C ASP F 114 2.68 -41.78 -16.58
N TYR F 115 3.34 -42.58 -17.42
CA TYR F 115 4.01 -42.04 -18.60
C TYR F 115 3.04 -41.39 -19.56
N ASN F 116 1.75 -41.71 -19.47
CA ASN F 116 0.78 -41.15 -20.39
C ASN F 116 0.70 -39.64 -20.25
N ARG F 117 0.68 -39.15 -19.02
CA ARG F 117 0.38 -37.76 -18.74
C ARG F 117 1.62 -36.93 -18.44
N LEU F 118 2.81 -37.46 -18.68
CA LEU F 118 4.00 -36.62 -18.51
C LEU F 118 4.01 -35.47 -19.48
N GLN F 119 3.44 -35.65 -20.66
CA GLN F 119 3.38 -34.55 -21.61
C GLN F 119 2.50 -33.42 -21.08
N GLU F 120 1.39 -33.78 -20.44
CA GLU F 120 0.59 -32.76 -19.77
C GLU F 120 1.37 -32.09 -18.66
N ALA F 121 2.16 -32.86 -17.92
CA ALA F 121 2.97 -32.29 -16.87
C ALA F 121 4.04 -31.36 -17.43
N LEU F 122 4.69 -31.76 -18.52
CA LEU F 122 5.69 -30.90 -19.14
C LEU F 122 5.07 -29.66 -19.76
N ASN F 123 3.84 -29.76 -20.25
CA ASN F 123 3.15 -28.59 -20.78
C ASN F 123 2.58 -27.72 -19.67
N ASP F 124 2.13 -28.32 -18.57
CA ASP F 124 1.73 -27.56 -17.39
C ASP F 124 2.90 -26.78 -16.85
N PHE F 125 4.08 -27.38 -16.83
CA PHE F 125 5.27 -26.74 -16.30
C PHE F 125 5.77 -25.64 -17.22
N LYS F 126 5.62 -25.82 -18.53
CA LYS F 126 6.07 -24.80 -19.48
C LYS F 126 5.27 -23.52 -19.33
N SER F 127 3.96 -23.64 -19.20
CA SER F 127 3.10 -22.47 -19.08
C SER F 127 3.36 -21.71 -17.78
N ILE F 128 3.66 -22.42 -16.71
CA ILE F 128 3.99 -21.75 -15.46
C ILE F 128 5.36 -21.10 -15.54
N TRP F 129 6.33 -21.77 -16.12
CA TRP F 129 7.66 -21.21 -16.24
C TRP F 129 7.67 -19.96 -17.11
N ASN F 130 6.95 -20.01 -18.23
CA ASN F 130 6.97 -18.93 -19.21
C ASN F 130 5.81 -17.96 -19.03
N ASN F 131 5.34 -17.77 -17.80
CA ASN F 131 4.21 -16.90 -17.55
C ASN F 131 4.73 -15.54 -17.11
N ARG F 132 4.03 -14.50 -17.56
CA ARG F 132 4.56 -13.15 -17.49
C ARG F 132 4.70 -12.67 -16.04
N TRP F 133 3.81 -13.11 -15.18
CA TRP F 133 3.81 -12.67 -13.79
C TRP F 133 4.64 -13.55 -12.88
N LEU F 134 5.15 -14.66 -13.39
CA LEU F 134 6.00 -15.55 -12.62
C LEU F 134 7.39 -15.58 -13.21
N ARG F 135 7.87 -14.44 -13.69
CA ARG F 135 9.18 -14.38 -14.32
C ARG F 135 10.31 -14.43 -13.32
N THR F 136 10.08 -14.04 -12.07
CA THR F 136 11.11 -14.05 -11.04
C THR F 136 10.71 -14.92 -9.86
N ILE F 137 9.94 -15.98 -10.11
CA ILE F 137 9.53 -16.93 -9.09
C ILE F 137 10.15 -18.26 -9.42
N SER F 138 10.86 -18.84 -8.46
CA SER F 138 11.53 -20.11 -8.69
C SER F 138 10.58 -21.26 -8.43
N VAL F 139 10.93 -22.43 -8.94
CA VAL F 139 10.08 -23.60 -8.90
C VAL F 139 10.86 -24.75 -8.28
N ILE F 140 10.32 -25.31 -7.21
CA ILE F 140 10.82 -26.55 -6.63
C ILE F 140 10.00 -27.70 -7.22
N LEU F 141 10.69 -28.71 -7.71
CA LEU F 141 10.11 -29.75 -8.56
C LEU F 141 10.29 -31.09 -7.88
N PHE F 142 9.24 -31.57 -7.23
CA PHE F 142 9.23 -32.88 -6.62
C PHE F 142 8.65 -33.86 -7.62
N LEU F 143 9.39 -34.90 -7.92
CA LEU F 143 8.90 -35.95 -8.80
C LEU F 143 8.39 -37.08 -7.92
N ASN F 144 7.07 -37.11 -7.71
CA ASN F 144 6.47 -38.14 -6.88
C ASN F 144 6.61 -39.51 -7.49
N LYS F 145 6.53 -40.51 -6.62
CA LYS F 145 6.31 -41.88 -7.00
C LYS F 145 7.48 -42.44 -7.79
N GLN F 146 8.69 -42.18 -7.27
CA GLN F 146 9.88 -42.82 -7.82
C GLN F 146 9.95 -44.28 -7.43
N ASP F 147 9.17 -44.70 -6.44
CA ASP F 147 9.03 -46.12 -6.15
C ASP F 147 8.14 -46.82 -7.15
N LEU F 148 7.02 -46.20 -7.54
CA LEU F 148 6.21 -46.76 -8.62
C LEU F 148 6.96 -46.76 -9.94
N LEU F 149 7.85 -45.79 -10.14
CA LEU F 149 8.64 -45.77 -11.36
C LEU F 149 9.60 -46.94 -11.40
N ALA F 150 10.16 -47.32 -10.25
CA ALA F 150 11.05 -48.47 -10.21
C ALA F 150 10.31 -49.74 -10.61
N GLU F 151 9.07 -49.89 -10.15
CA GLU F 151 8.28 -51.05 -10.54
C GLU F 151 8.05 -51.09 -12.04
N LYS F 152 7.68 -49.96 -12.65
CA LYS F 152 7.34 -49.97 -14.07
C LYS F 152 8.58 -50.15 -14.93
N VAL F 153 9.75 -49.76 -14.45
CA VAL F 153 10.95 -49.87 -15.28
C VAL F 153 11.64 -51.22 -15.11
N LEU F 154 11.46 -51.87 -13.96
CA LEU F 154 12.00 -53.21 -13.78
C LEU F 154 11.05 -54.30 -14.26
N ALA F 155 9.74 -54.06 -14.20
CA ALA F 155 8.81 -55.08 -14.66
C ALA F 155 8.94 -55.32 -16.15
N GLY F 156 9.15 -54.25 -16.91
CA GLY F 156 9.37 -54.36 -18.33
C GLY F 156 8.13 -54.24 -19.18
N LYS F 157 6.94 -54.25 -18.58
CA LYS F 157 5.72 -54.21 -19.37
C LYS F 157 5.61 -52.92 -20.18
N SER F 158 5.97 -51.79 -19.59
CA SER F 158 5.82 -50.49 -20.23
C SER F 158 7.19 -49.89 -20.53
N LYS F 159 7.30 -49.20 -21.66
CA LYS F 159 8.56 -48.65 -22.13
C LYS F 159 8.41 -47.18 -22.42
N ILE F 160 9.42 -46.40 -22.04
CA ILE F 160 9.41 -44.98 -22.28
C ILE F 160 9.43 -44.68 -23.77
N GLU F 161 10.16 -45.51 -24.53
CA GLU F 161 10.37 -45.21 -25.94
C GLU F 161 9.06 -45.13 -26.71
N ASP F 162 8.01 -45.82 -26.24
CA ASP F 162 6.70 -45.71 -26.87
C ASP F 162 6.11 -44.33 -26.68
N TYR F 163 6.41 -43.67 -25.56
CA TYR F 163 5.81 -42.39 -25.24
C TYR F 163 6.72 -41.21 -25.55
N PHE F 164 8.01 -41.33 -25.31
CA PHE F 164 8.99 -40.33 -25.71
C PHE F 164 10.02 -41.00 -26.61
N PRO F 165 10.02 -40.73 -27.91
CA PRO F 165 10.95 -41.46 -28.80
C PRO F 165 12.41 -41.22 -28.52
N GLU F 166 12.78 -40.10 -27.91
CA GLU F 166 14.19 -39.78 -27.73
C GLU F 166 14.87 -40.64 -26.68
N PHE F 167 14.11 -41.47 -25.97
CA PHE F 167 14.70 -42.24 -24.88
C PHE F 167 15.69 -43.26 -25.39
N ALA F 168 15.42 -43.85 -26.56
CA ALA F 168 16.28 -44.90 -27.07
C ALA F 168 17.67 -44.38 -27.37
N ARG F 169 17.76 -43.20 -27.95
CA ARG F 169 19.04 -42.61 -28.32
C ARG F 169 19.66 -41.81 -27.18
N TYR F 170 19.36 -42.17 -25.94
CA TYR F 170 19.80 -41.43 -24.75
C TYR F 170 20.65 -42.33 -23.87
N THR F 171 21.81 -41.81 -23.44
CA THR F 171 22.74 -42.53 -22.59
C THR F 171 22.91 -41.79 -21.28
N THR F 172 22.98 -42.55 -20.19
CA THR F 172 23.09 -41.94 -18.88
C THR F 172 24.38 -41.14 -18.78
N PRO F 173 24.36 -39.97 -18.15
CA PRO F 173 25.61 -39.21 -17.96
C PRO F 173 26.54 -39.96 -17.02
N GLU F 174 27.74 -40.27 -17.50
CA GLU F 174 28.71 -40.96 -16.66
C GLU F 174 29.11 -40.10 -15.48
N ASP F 175 29.28 -38.79 -15.69
CA ASP F 175 29.71 -37.92 -14.62
C ASP F 175 28.64 -37.79 -13.55
N ALA F 176 27.39 -37.50 -13.94
CA ALA F 176 26.30 -37.34 -13.00
C ALA F 176 25.79 -38.73 -12.61
N THR F 177 26.47 -39.33 -11.65
CA THR F 177 26.18 -40.70 -11.22
C THR F 177 26.08 -40.72 -9.70
N PRO F 178 25.06 -40.08 -9.14
CA PRO F 178 24.87 -40.16 -7.68
C PRO F 178 24.02 -41.35 -7.28
N GLU F 179 23.87 -42.32 -8.17
CA GLU F 179 22.95 -43.43 -7.93
C GLU F 179 23.49 -44.39 -6.87
N PRO F 180 22.99 -44.32 -5.63
CA PRO F 180 23.41 -45.29 -4.61
C PRO F 180 22.56 -46.56 -4.59
N GLY F 181 23.14 -47.69 -5.00
CA GLY F 181 22.48 -48.97 -4.85
C GLY F 181 21.19 -49.14 -5.61
N GLU F 182 21.13 -48.69 -6.86
CA GLU F 182 19.95 -48.84 -7.68
C GLU F 182 20.38 -49.20 -9.09
N ASP F 183 19.49 -49.87 -9.82
CA ASP F 183 19.84 -50.37 -11.13
C ASP F 183 20.13 -49.22 -12.07
N PRO F 184 21.09 -49.36 -12.98
CA PRO F 184 21.31 -48.31 -13.98
C PRO F 184 20.10 -48.08 -14.87
N ARG F 185 19.23 -49.07 -15.01
CA ARG F 185 18.02 -48.89 -15.79
C ARG F 185 17.08 -47.89 -15.13
N VAL F 186 16.95 -47.94 -13.81
CA VAL F 186 16.12 -46.98 -13.11
C VAL F 186 16.75 -45.59 -13.22
N THR F 187 18.07 -45.50 -13.08
CA THR F 187 18.71 -44.19 -13.13
C THR F 187 18.70 -43.60 -14.54
N ARG F 188 18.78 -44.44 -15.56
CA ARG F 188 18.54 -43.96 -16.91
C ARG F 188 17.13 -43.41 -17.06
N ALA F 189 16.16 -44.16 -16.56
CA ALA F 189 14.77 -43.71 -16.63
C ALA F 189 14.57 -42.47 -15.79
N LYS F 190 15.18 -42.43 -14.62
CA LYS F 190 15.05 -41.26 -13.74
C LYS F 190 15.56 -40.01 -14.43
N TYR F 191 16.86 -39.98 -14.72
CA TYR F 191 17.50 -38.74 -15.14
C TYR F 191 17.01 -38.26 -16.49
N PHE F 192 16.36 -39.10 -17.26
CA PHE F 192 15.73 -38.64 -18.50
C PHE F 192 14.52 -37.77 -18.21
N ILE F 193 13.71 -38.16 -17.23
CA ILE F 193 12.53 -37.40 -16.87
C ILE F 193 12.92 -36.08 -16.23
N ARG F 194 14.02 -36.06 -15.51
CA ARG F 194 14.49 -34.80 -14.95
C ARG F 194 14.99 -33.86 -16.02
N LYS F 195 15.58 -34.39 -17.09
CA LYS F 195 16.07 -33.54 -18.16
C LYS F 195 14.94 -32.82 -18.86
N GLU F 196 13.82 -33.51 -19.07
CA GLU F 196 12.72 -32.95 -19.84
C GLU F 196 12.11 -31.73 -19.17
N PHE F 197 12.37 -31.55 -17.89
CA PHE F 197 11.87 -30.43 -17.10
C PHE F 197 12.89 -29.35 -16.92
N VAL F 198 14.15 -29.73 -16.72
CA VAL F 198 15.21 -28.76 -16.58
C VAL F 198 15.47 -28.05 -17.90
N ASP F 199 15.33 -28.75 -19.02
CA ASP F 199 15.55 -28.09 -20.30
C ASP F 199 14.51 -27.02 -20.57
N ILE F 200 13.27 -27.24 -20.14
CA ILE F 200 12.27 -26.19 -20.20
C ILE F 200 12.67 -25.03 -19.33
N SER F 201 13.40 -25.30 -18.24
CA SER F 201 13.82 -24.23 -17.35
C SER F 201 15.02 -23.48 -17.92
N THR F 202 15.91 -24.17 -18.62
CA THR F 202 17.09 -23.52 -19.19
C THR F 202 16.79 -22.83 -20.51
N ALA F 203 15.66 -23.14 -21.14
CA ALA F 203 15.35 -22.56 -22.44
C ALA F 203 15.18 -21.06 -22.35
N SER F 204 14.17 -20.60 -21.61
CA SER F 204 13.85 -19.17 -21.50
C SER F 204 13.75 -18.83 -20.02
N GLY F 205 14.89 -18.57 -19.40
CA GLY F 205 14.90 -18.22 -18.00
C GLY F 205 15.64 -16.93 -17.72
N ASP F 206 16.60 -16.61 -18.58
CA ASP F 206 17.46 -15.42 -18.48
C ASP F 206 18.25 -15.37 -17.18
N GLY F 207 18.21 -16.43 -16.38
CA GLY F 207 18.93 -16.46 -15.13
C GLY F 207 18.22 -15.81 -13.96
N ARG F 208 17.04 -15.24 -14.17
CA ARG F 208 16.36 -14.56 -13.09
C ARG F 208 15.69 -15.52 -12.12
N HIS F 209 15.36 -16.73 -12.55
CA HIS F 209 14.71 -17.68 -11.67
C HIS F 209 15.16 -19.09 -12.04
N ILE F 210 15.25 -19.95 -11.04
CA ILE F 210 15.86 -21.27 -11.17
C ILE F 210 14.84 -22.35 -10.82
N CYS F 211 15.06 -23.54 -11.36
CA CYS F 211 14.28 -24.73 -11.02
C CYS F 211 15.14 -25.72 -10.25
N TYR F 212 14.58 -26.27 -9.18
CA TYR F 212 15.29 -27.20 -8.30
C TYR F 212 14.65 -28.58 -8.36
N PRO F 213 15.27 -29.57 -9.00
CA PRO F 213 14.61 -30.86 -9.17
C PRO F 213 15.01 -31.88 -8.12
N HIS F 214 13.99 -32.53 -7.57
CA HIS F 214 14.15 -33.51 -6.52
C HIS F 214 13.51 -34.82 -6.93
N PHE F 215 13.38 -35.76 -6.01
CA PHE F 215 12.87 -37.08 -6.32
C PHE F 215 12.30 -37.67 -5.05
N THR F 216 10.98 -37.62 -4.90
CA THR F 216 10.35 -37.95 -3.64
C THR F 216 9.32 -39.06 -3.85
N CYS F 217 9.36 -40.04 -2.96
CA CYS F 217 8.38 -41.11 -2.91
C CYS F 217 7.25 -40.72 -1.96
N ALA F 218 6.43 -41.68 -1.54
CA ALA F 218 5.26 -41.33 -0.70
C ALA F 218 5.66 -41.43 0.77
N VAL F 219 6.68 -42.23 1.09
CA VAL F 219 7.14 -42.42 2.50
C VAL F 219 8.25 -41.42 2.81
N ASP F 220 8.68 -40.62 1.83
CA ASP F 220 9.79 -39.65 2.05
C ASP F 220 9.41 -38.70 3.17
N THR F 221 10.31 -38.49 4.14
CA THR F 221 10.05 -37.61 5.29
C THR F 221 10.98 -36.40 5.24
N GLU F 222 11.98 -36.45 4.37
CA GLU F 222 12.94 -35.36 4.24
C GLU F 222 12.40 -34.17 3.44
N ASN F 223 11.10 -34.10 3.18
CA ASN F 223 10.57 -33.13 2.23
C ASN F 223 10.60 -31.71 2.78
N ALA F 224 10.25 -31.53 4.04
CA ALA F 224 10.21 -30.17 4.57
C ALA F 224 11.58 -29.53 4.55
N ARG F 225 12.63 -30.33 4.74
CA ARG F 225 13.99 -29.80 4.69
C ARG F 225 14.35 -29.33 3.29
N ARG F 226 13.97 -30.11 2.27
CA ARG F 226 14.34 -29.77 0.90
C ARG F 226 13.71 -28.46 0.47
N ILE F 227 12.46 -28.22 0.86
CA ILE F 227 11.86 -26.92 0.59
C ILE F 227 12.65 -25.83 1.29
N PHE F 228 13.12 -26.12 2.50
CA PHE F 228 13.87 -25.15 3.27
C PHE F 228 15.24 -24.89 2.67
N ASN F 229 15.97 -25.95 2.36
CA ASN F 229 17.29 -25.80 1.79
C ASN F 229 17.23 -25.13 0.43
N ASP F 230 16.10 -25.24 -0.25
CA ASP F 230 15.91 -24.57 -1.52
C ASP F 230 15.55 -23.11 -1.34
N CYS F 231 14.75 -22.79 -0.35
CA CYS F 231 14.37 -21.40 -0.09
C CYS F 231 15.55 -20.59 0.41
N LYS F 232 16.47 -21.21 1.13
CA LYS F 232 17.66 -20.52 1.57
C LYS F 232 18.54 -20.11 0.40
N ASP F 233 18.48 -20.87 -0.70
CA ASP F 233 19.19 -20.49 -1.90
C ASP F 233 18.42 -19.44 -2.68
N ILE F 234 17.10 -19.54 -2.71
CA ILE F 234 16.29 -18.53 -3.37
C ILE F 234 16.53 -17.17 -2.73
N ILE F 235 16.54 -17.12 -1.40
CA ILE F 235 16.75 -15.86 -0.70
C ILE F 235 18.17 -15.37 -0.88
N LEU F 236 19.14 -16.27 -1.00
CA LEU F 236 20.51 -15.84 -1.25
C LEU F 236 20.63 -15.18 -2.61
N GLN F 237 19.94 -15.71 -3.62
CA GLN F 237 19.99 -15.12 -4.93
C GLN F 237 19.19 -13.83 -5.01
N MET F 238 18.29 -13.59 -4.07
CA MET F 238 17.63 -12.29 -4.03
C MET F 238 18.54 -11.25 -3.44
N ASN F 239 19.37 -11.62 -2.47
CA ASN F 239 20.29 -10.69 -1.87
C ASN F 239 21.48 -10.42 -2.76
N LEU F 240 21.92 -11.41 -3.53
CA LEU F 240 22.95 -11.18 -4.53
C LEU F 240 22.47 -10.30 -5.67
N ARG F 241 21.18 -10.08 -5.80
CA ARG F 241 20.67 -9.15 -6.79
C ARG F 241 20.33 -7.80 -6.19
N GLU F 242 20.21 -7.71 -4.87
CA GLU F 242 20.05 -6.42 -4.23
C GLU F 242 21.36 -5.64 -4.26
N TYR F 243 22.48 -6.33 -4.14
CA TYR F 243 23.80 -5.72 -4.10
C TYR F 243 24.51 -5.82 -5.43
N ASN F 244 23.77 -6.06 -6.50
CA ASN F 244 24.29 -6.03 -7.87
C ASN F 244 25.40 -7.03 -8.08
N LEU F 245 25.43 -8.09 -7.29
CA LEU F 245 26.50 -9.07 -7.38
C LEU F 245 26.23 -10.14 -8.43
N VAL F 246 24.98 -10.55 -8.60
CA VAL F 246 24.66 -11.57 -9.58
C VAL F 246 23.52 -11.09 -10.47
#